data_9B8N
#
_entry.id   9B8N
#
_cell.length_a   75.340
_cell.length_b   87.360
_cell.length_c   154.890
_cell.angle_alpha   90.00
_cell.angle_beta   90.00
_cell.angle_gamma   90.00
#
_symmetry.space_group_name_H-M   'P 21 21 21'
#
loop_
_entity.id
_entity.type
_entity.pdbx_description
1 polymer 'Ornithine decarboxylase'
2 non-polymer "PYRIDOXAL-5'-PHOSPHATE"
3 non-polymer O-{[(3S)-pyrrolidin-3-yl]methyl}hydroxylamine
4 water water
#
_entity_poly.entity_id   1
_entity_poly.type   'polypeptide(L)'
_entity_poly.pdbx_seq_one_letter_code
;MNNFGNEEFDCHFLDEGFTAKDILDQKINEVSSSDDKDAFYVADLGDILKKHLRWLKALPRVTPFYAVKCNDSKAIVKTL
AATGTGFDCASKTEIQLVQSLGVPPERIIYANPCKQVSQIKYAANNGVQMMTFDSEVELMKVARAHPKAKLVLRIATDDS
KAVCRLSVKFGATLRTSRLLLERAKELNIDVVGVSFHVGSGCTDPETFVQAISDARCVFDMGAEVGFSMYLLDIGGGFPG
SEDVKLKFEEITGVINPALDKYFPSDSGVRIIAEPGRYYVASAFTLAVNIIAKKIVLKEQTGSDDEDESSEQTFMYYVND
GVYGSFNCILYDHAHVKPLLQKRPKPDEKYYSSSIWGPTCDGLDRIVERCDLPEMHVGDWMLFENMGAYTVAAASTFNGF
QRPTIYYVMSGPAWQLMQQFQNPD
;
_entity_poly.pdbx_strand_id   A,B
#
# COMPACT_ATOMS: atom_id res chain seq x y z
N MET A 1 -8.72 -22.37 17.67
CA MET A 1 -9.39 -22.05 16.41
C MET A 1 -8.39 -22.06 15.25
N ASN A 2 -8.65 -22.94 14.27
CA ASN A 2 -7.75 -23.08 13.13
C ASN A 2 -8.58 -23.28 11.87
N ASN A 3 -8.35 -22.42 10.89
CA ASN A 3 -8.95 -22.61 9.57
C ASN A 3 -8.47 -23.91 8.95
N PHE A 4 -9.39 -24.65 8.34
CA PHE A 4 -9.03 -25.76 7.46
C PHE A 4 -9.51 -25.44 6.06
N GLY A 5 -8.63 -25.62 5.08
CA GLY A 5 -8.99 -25.30 3.72
C GLY A 5 -9.01 -23.80 3.48
N ASN A 6 -10.04 -23.35 2.76
CA ASN A 6 -10.10 -21.97 2.30
C ASN A 6 -10.38 -21.02 3.45
N GLU A 7 -9.54 -19.98 3.58
CA GLU A 7 -9.80 -18.95 4.57
C GLU A 7 -11.04 -18.15 4.21
N GLU A 8 -11.21 -17.89 2.91
CA GLU A 8 -12.28 -17.02 2.43
C GLU A 8 -13.65 -17.47 2.92
N PHE A 9 -13.96 -18.76 2.78
CA PHE A 9 -15.31 -19.25 3.04
C PHE A 9 -15.40 -20.13 4.28
N ASP A 10 -14.37 -20.19 5.11
CA ASP A 10 -14.43 -20.93 6.37
C ASP A 10 -14.96 -20.02 7.46
N CYS A 11 -16.05 -20.43 8.11
CA CYS A 11 -16.65 -19.66 9.19
C CYS A 11 -16.78 -20.53 10.43
N HIS A 12 -16.44 -19.96 11.58
CA HIS A 12 -16.49 -20.66 12.85
C HIS A 12 -17.72 -20.25 13.65
N PHE A 13 -18.26 -21.20 14.41
CA PHE A 13 -19.38 -20.91 15.29
C PHE A 13 -18.95 -20.06 16.47
N LEU A 14 -19.76 -19.05 16.80
CA LEU A 14 -19.59 -18.25 17.99
C LEU A 14 -20.64 -18.69 19.01
N ASP A 15 -20.20 -19.35 20.07
CA ASP A 15 -21.13 -19.98 21.00
C ASP A 15 -21.82 -18.95 21.88
N GLU A 16 -22.95 -19.36 22.47
CA GLU A 16 -23.73 -18.48 23.32
C GLU A 16 -22.88 -17.92 24.45
N GLY A 17 -23.06 -16.64 24.75
CA GLY A 17 -22.31 -16.01 25.81
C GLY A 17 -20.90 -15.60 25.44
N PHE A 18 -20.50 -15.75 24.19
CA PHE A 18 -19.16 -15.40 23.73
C PHE A 18 -19.23 -14.23 22.75
N THR A 19 -18.26 -13.33 22.86
CA THR A 19 -18.08 -12.23 21.93
C THR A 19 -16.77 -12.44 21.16
N ALA A 20 -16.58 -11.63 20.11
CA ALA A 20 -15.34 -11.68 19.35
C ALA A 20 -14.11 -11.55 20.25
N LYS A 21 -14.22 -10.73 21.30
CA LYS A 21 -13.10 -10.55 22.23
C LYS A 21 -12.71 -11.87 22.86
N ASP A 22 -13.70 -12.66 23.28
CA ASP A 22 -13.41 -13.96 23.89
C ASP A 22 -12.74 -14.90 22.91
N ILE A 23 -13.15 -14.86 21.64
CA ILE A 23 -12.48 -15.66 20.62
C ILE A 23 -11.02 -15.23 20.49
N LEU A 24 -10.76 -13.93 20.55
CA LEU A 24 -9.37 -13.46 20.55
C LEU A 24 -8.60 -14.05 21.72
N ASP A 25 -9.19 -13.97 22.91
CA ASP A 25 -8.55 -14.54 24.10
C ASP A 25 -8.24 -16.02 23.91
N GLN A 26 -9.21 -16.77 23.40
CA GLN A 26 -9.02 -18.20 23.19
C GLN A 26 -7.88 -18.48 22.22
N LYS A 27 -7.91 -17.83 21.06
CA LYS A 27 -6.83 -18.02 20.08
C LYS A 27 -5.47 -17.68 20.67
N ILE A 28 -5.40 -16.61 21.46
CA ILE A 28 -4.12 -16.22 22.06
C ILE A 28 -3.65 -17.29 23.04
N ASN A 29 -4.55 -17.74 23.92
CA ASN A 29 -4.18 -18.76 24.89
C ASN A 29 -3.79 -20.08 24.21
N GLU A 30 -4.42 -20.40 23.08
CA GLU A 30 -4.16 -21.67 22.40
C GLU A 30 -2.73 -21.76 21.89
N VAL A 31 -2.16 -20.66 21.44
CA VAL A 31 -0.80 -20.65 20.90
C VAL A 31 0.21 -20.14 21.93
N SER A 32 -0.18 -20.11 23.22
CA SER A 32 0.63 -19.50 24.26
C SER A 32 2.04 -20.10 24.35
N SER A 33 2.18 -21.39 24.06
CA SER A 33 3.48 -22.05 24.25
C SER A 33 4.09 -22.54 22.94
N SER A 34 4.08 -21.69 21.92
CA SER A 34 4.69 -21.99 20.64
C SER A 34 5.21 -20.69 20.05
N ASP A 35 6.03 -20.79 19.01
CA ASP A 35 6.66 -19.62 18.40
C ASP A 35 5.99 -19.14 17.12
N ASP A 36 4.88 -19.73 16.70
CA ASP A 36 4.13 -19.21 15.56
C ASP A 36 3.02 -18.31 16.08
N LYS A 37 3.29 -17.01 16.07
CA LYS A 37 2.45 -15.96 16.59
C LYS A 37 2.28 -14.86 15.54
N ASP A 38 1.91 -15.26 14.32
CA ASP A 38 1.61 -14.29 13.28
C ASP A 38 0.38 -13.48 13.64
N ALA A 39 0.32 -12.25 13.12
CA ALA A 39 -0.85 -11.40 13.35
C ALA A 39 -2.08 -12.03 12.72
N PHE A 40 -3.25 -11.75 13.31
CA PHE A 40 -4.48 -12.30 12.76
C PHE A 40 -5.64 -11.38 13.10
N TYR A 41 -6.69 -11.49 12.29
CA TYR A 41 -7.97 -10.81 12.50
C TYR A 41 -9.01 -11.79 13.03
N VAL A 42 -9.90 -11.26 13.87
CA VAL A 42 -11.19 -11.89 14.12
C VAL A 42 -12.25 -10.98 13.51
N ALA A 43 -13.04 -11.54 12.60
CA ALA A 43 -14.09 -10.81 11.88
C ALA A 43 -15.43 -11.41 12.26
N ASP A 44 -16.26 -10.61 12.95
CA ASP A 44 -17.57 -11.05 13.42
C ASP A 44 -18.61 -10.66 12.37
N LEU A 45 -19.02 -11.63 11.55
CA LEU A 45 -20.05 -11.38 10.55
C LEU A 45 -21.38 -10.99 11.21
N GLY A 46 -21.60 -11.45 12.44
CA GLY A 46 -22.79 -11.03 13.18
C GLY A 46 -22.84 -9.53 13.41
N ASP A 47 -21.68 -8.90 13.58
CA ASP A 47 -21.66 -7.44 13.72
C ASP A 47 -22.12 -6.78 12.43
N ILE A 48 -21.79 -7.35 11.28
CA ILE A 48 -22.27 -6.81 10.01
C ILE A 48 -23.78 -6.95 9.93
N LEU A 49 -24.32 -8.09 10.37
CA LEU A 49 -25.77 -8.26 10.37
C LEU A 49 -26.44 -7.26 11.30
N LYS A 50 -25.84 -7.03 12.47
CA LYS A 50 -26.34 -6.02 13.40
C LYS A 50 -26.36 -4.64 12.75
N LYS A 51 -25.29 -4.30 12.03
CA LYS A 51 -25.24 -3.02 11.33
C LYS A 51 -26.35 -2.91 10.30
N HIS A 52 -26.64 -4.01 9.59
CA HIS A 52 -27.72 -3.95 8.62
C HIS A 52 -29.07 -3.72 9.28
N LEU A 53 -29.34 -4.42 10.39
CA LEU A 53 -30.58 -4.21 11.12
C LEU A 53 -30.70 -2.76 11.58
N ARG A 54 -29.59 -2.22 12.10
CA ARG A 54 -29.56 -0.83 12.56
C ARG A 54 -29.83 0.14 11.40
N TRP A 55 -29.29 -0.16 10.22
CA TRP A 55 -29.53 0.69 9.05
C TRP A 55 -30.99 0.66 8.65
N LEU A 56 -31.57 -0.54 8.55
CA LEU A 56 -32.99 -0.67 8.23
C LEU A 56 -33.83 0.14 9.20
N LYS A 57 -33.43 0.19 10.47
CA LYS A 57 -34.20 0.92 11.46
C LYS A 57 -34.03 2.43 11.30
N ALA A 58 -32.79 2.88 11.04
CA ALA A 58 -32.52 4.32 11.06
C ALA A 58 -32.83 5.01 9.74
N LEU A 59 -32.70 4.32 8.60
CA LEU A 59 -32.91 4.88 7.28
C LEU A 59 -33.85 4.01 6.47
N PRO A 60 -35.12 3.91 6.90
CA PRO A 60 -36.04 2.95 6.24
C PRO A 60 -36.31 3.25 4.77
N ARG A 61 -36.07 4.49 4.31
CA ARG A 61 -36.30 4.83 2.91
C ARG A 61 -35.09 4.62 2.02
N VAL A 62 -33.95 4.21 2.56
CA VAL A 62 -32.68 4.21 1.84
C VAL A 62 -32.19 2.78 1.70
N THR A 63 -32.04 2.33 0.45
CA THR A 63 -31.48 1.00 0.20
C THR A 63 -29.96 1.07 0.22
N PRO A 64 -29.29 0.29 1.06
CA PRO A 64 -27.82 0.35 1.11
C PRO A 64 -27.17 -0.44 -0.01
N PHE A 65 -26.22 0.18 -0.68
CA PHE A 65 -25.33 -0.46 -1.64
C PHE A 65 -23.92 -0.45 -1.05
N TYR A 66 -23.45 -1.60 -0.60
CA TYR A 66 -22.18 -1.66 0.11
C TYR A 66 -21.01 -1.30 -0.81
N ALA A 67 -20.14 -0.42 -0.32
CA ALA A 67 -18.97 0.02 -1.07
C ALA A 67 -17.88 -1.05 -0.94
N VAL A 68 -17.80 -1.92 -1.96
CA VAL A 68 -16.92 -3.08 -1.90
C VAL A 68 -15.48 -2.67 -1.62
N LYS A 69 -15.06 -1.51 -2.17
CA LYS A 69 -13.67 -1.08 -2.05
C LYS A 69 -13.24 -0.93 -0.60
N CYS A 70 -14.18 -0.68 0.31
CA CYS A 70 -13.83 -0.47 1.71
C CYS A 70 -13.23 -1.74 2.32
N ASN A 71 -13.80 -2.90 2.00
CA ASN A 71 -13.24 -4.18 2.43
C ASN A 71 -13.84 -5.24 1.52
N ASP A 72 -13.03 -5.78 0.61
CA ASP A 72 -13.50 -6.67 -0.44
C ASP A 72 -13.41 -8.15 -0.06
N SER A 73 -13.36 -8.48 1.23
CA SER A 73 -13.33 -9.87 1.64
C SER A 73 -14.56 -10.60 1.13
N LYS A 74 -14.34 -11.78 0.55
CA LYS A 74 -15.45 -12.53 -0.06
C LYS A 74 -16.51 -12.90 0.97
N ALA A 75 -16.10 -13.23 2.20
CA ALA A 75 -17.08 -13.54 3.23
C ALA A 75 -17.98 -12.34 3.51
N ILE A 76 -17.41 -11.14 3.54
CA ILE A 76 -18.19 -9.93 3.78
C ILE A 76 -19.24 -9.76 2.69
N VAL A 77 -18.80 -9.84 1.44
CA VAL A 77 -19.71 -9.62 0.31
C VAL A 77 -20.78 -10.70 0.27
N LYS A 78 -20.40 -11.95 0.57
CA LYS A 78 -21.38 -13.04 0.60
C LYS A 78 -22.44 -12.79 1.67
N THR A 79 -22.01 -12.40 2.88
CA THR A 79 -22.96 -12.13 3.95
C THR A 79 -23.91 -11.00 3.57
N LEU A 80 -23.37 -9.91 3.01
CA LEU A 80 -24.21 -8.78 2.63
C LEU A 80 -25.14 -9.14 1.48
N ALA A 81 -24.66 -9.95 0.53
CA ALA A 81 -25.51 -10.37 -0.58
C ALA A 81 -26.67 -11.21 -0.08
N ALA A 82 -26.40 -12.15 0.83
CA ALA A 82 -27.49 -12.92 1.42
C ALA A 82 -28.45 -12.00 2.17
N THR A 83 -27.91 -10.95 2.79
CA THR A 83 -28.75 -9.97 3.49
C THR A 83 -29.62 -9.16 2.53
N GLY A 84 -29.27 -9.11 1.24
CA GLY A 84 -30.05 -8.38 0.27
C GLY A 84 -29.65 -6.94 0.00
N THR A 85 -28.47 -6.52 0.42
CA THR A 85 -28.02 -5.18 0.05
C THR A 85 -27.63 -5.12 -1.42
N GLY A 86 -27.50 -3.89 -1.93
CA GLY A 86 -26.84 -3.68 -3.21
C GLY A 86 -25.34 -3.61 -3.04
N PHE A 87 -24.66 -3.35 -4.16
CA PHE A 87 -23.22 -3.20 -4.11
C PHE A 87 -22.76 -2.05 -5.00
N ASP A 88 -21.91 -1.19 -4.44
CA ASP A 88 -21.24 -0.13 -5.17
C ASP A 88 -19.87 -0.65 -5.58
N CYS A 89 -19.65 -0.81 -6.88
CA CYS A 89 -18.41 -1.36 -7.42
C CYS A 89 -17.63 -0.27 -8.13
N ALA A 90 -16.31 -0.28 -7.97
CA ALA A 90 -15.46 0.75 -8.52
C ALA A 90 -14.65 0.30 -9.72
N SER A 91 -14.64 -0.98 -10.04
CA SER A 91 -13.78 -1.49 -11.10
C SER A 91 -14.32 -2.81 -11.60
N LYS A 92 -13.74 -3.27 -12.71
CA LYS A 92 -14.12 -4.55 -13.30
C LYS A 92 -13.93 -5.70 -12.30
N THR A 93 -12.85 -5.67 -11.53
CA THR A 93 -12.58 -6.76 -10.58
C THR A 93 -13.66 -6.84 -9.51
N GLU A 94 -14.12 -5.69 -9.00
CA GLU A 94 -15.15 -5.72 -7.98
C GLU A 94 -16.48 -6.20 -8.53
N ILE A 95 -16.82 -5.80 -9.77
CA ILE A 95 -18.03 -6.31 -10.41
C ILE A 95 -17.92 -7.83 -10.57
N GLN A 96 -16.76 -8.31 -11.01
CA GLN A 96 -16.53 -9.74 -11.14
C GLN A 96 -16.75 -10.45 -9.81
N LEU A 97 -16.19 -9.89 -8.74
CA LEU A 97 -16.34 -10.48 -7.41
C LEU A 97 -17.81 -10.56 -7.02
N VAL A 98 -18.55 -9.47 -7.21
CA VAL A 98 -19.95 -9.45 -6.80
C VAL A 98 -20.77 -10.44 -7.62
N GLN A 99 -20.54 -10.50 -8.94
CA GLN A 99 -21.31 -11.41 -9.77
C GLN A 99 -20.95 -12.86 -9.51
N SER A 100 -19.68 -13.14 -9.19
CA SER A 100 -19.28 -14.52 -8.86
C SER A 100 -20.06 -15.06 -7.67
N LEU A 101 -20.47 -14.18 -6.75
CA LEU A 101 -21.27 -14.58 -5.59
C LEU A 101 -22.75 -14.69 -5.91
N GLY A 102 -23.16 -14.45 -7.15
CA GLY A 102 -24.54 -14.67 -7.55
C GLY A 102 -25.44 -13.45 -7.52
N VAL A 103 -24.87 -12.26 -7.39
CA VAL A 103 -25.69 -11.04 -7.29
C VAL A 103 -26.07 -10.58 -8.69
N PRO A 104 -27.35 -10.36 -8.97
CA PRO A 104 -27.77 -9.94 -10.32
C PRO A 104 -27.36 -8.50 -10.59
N PRO A 105 -27.26 -8.11 -11.86
CA PRO A 105 -26.70 -6.79 -12.18
C PRO A 105 -27.53 -5.61 -11.66
N GLU A 106 -28.84 -5.77 -11.49
CA GLU A 106 -29.64 -4.65 -11.02
C GLU A 106 -29.38 -4.32 -9.55
N ARG A 107 -28.59 -5.12 -8.85
CA ARG A 107 -28.16 -4.81 -7.48
C ARG A 107 -26.74 -4.27 -7.44
N ILE A 108 -26.24 -3.78 -8.57
CA ILE A 108 -24.89 -3.23 -8.69
C ILE A 108 -25.00 -1.83 -9.25
N ILE A 109 -24.32 -0.88 -8.61
CA ILE A 109 -24.08 0.43 -9.22
C ILE A 109 -22.58 0.57 -9.43
N TYR A 110 -22.20 0.97 -10.65
CA TYR A 110 -20.81 1.21 -11.02
C TYR A 110 -20.51 2.67 -10.71
N ALA A 111 -20.26 2.95 -9.43
CA ALA A 111 -20.20 4.32 -8.94
C ALA A 111 -18.79 4.90 -8.96
N ASN A 112 -18.12 4.74 -10.10
CA ASN A 112 -16.82 5.34 -10.35
C ASN A 112 -17.02 6.40 -11.42
N PRO A 113 -16.82 7.68 -11.13
CA PRO A 113 -17.17 8.72 -12.12
C PRO A 113 -16.24 8.77 -13.32
N CYS A 114 -15.03 8.24 -13.22
CA CYS A 114 -14.00 8.36 -14.26
C CYS A 114 -13.46 6.98 -14.57
N LYS A 115 -14.12 6.29 -15.50
CA LYS A 115 -13.92 4.87 -15.74
C LYS A 115 -13.12 4.65 -17.03
N GLN A 116 -12.16 3.72 -16.97
CA GLN A 116 -11.46 3.28 -18.17
C GLN A 116 -12.45 2.67 -19.16
N VAL A 117 -12.28 2.99 -20.44
CA VAL A 117 -13.23 2.58 -21.47
C VAL A 117 -13.43 1.08 -21.48
N SER A 118 -12.34 0.30 -21.41
CA SER A 118 -12.48 -1.15 -21.44
C SER A 118 -13.29 -1.67 -20.26
N GLN A 119 -13.21 -0.99 -19.10
CA GLN A 119 -14.00 -1.40 -17.95
C GLN A 119 -15.48 -1.02 -18.13
N ILE A 120 -15.75 0.12 -18.76
CA ILE A 120 -17.13 0.43 -19.15
C ILE A 120 -17.67 -0.65 -20.06
N LYS A 121 -16.86 -1.06 -21.04
CA LYS A 121 -17.25 -2.14 -21.95
C LYS A 121 -17.53 -3.42 -21.18
N TYR A 122 -16.70 -3.74 -20.19
CA TYR A 122 -16.96 -4.92 -19.37
C TYR A 122 -18.30 -4.80 -18.66
N ALA A 123 -18.60 -3.63 -18.11
CA ALA A 123 -19.88 -3.43 -17.43
C ALA A 123 -21.04 -3.63 -18.40
N ALA A 124 -20.92 -3.09 -19.61
CA ALA A 124 -21.96 -3.27 -20.62
C ALA A 124 -22.12 -4.74 -21.00
N ASN A 125 -21.01 -5.47 -21.14
CA ASN A 125 -21.06 -6.87 -21.53
C ASN A 125 -21.77 -7.73 -20.50
N ASN A 126 -21.74 -7.33 -19.22
CA ASN A 126 -22.30 -8.13 -18.14
C ASN A 126 -23.58 -7.54 -17.56
N GLY A 127 -24.21 -6.61 -18.27
CA GLY A 127 -25.53 -6.16 -17.91
C GLY A 127 -25.60 -5.17 -16.77
N VAL A 128 -24.48 -4.59 -16.35
CA VAL A 128 -24.49 -3.55 -15.32
C VAL A 128 -24.84 -2.24 -16.00
N GLN A 129 -26.07 -1.77 -15.80
CA GLN A 129 -26.58 -0.63 -16.56
C GLN A 129 -26.32 0.72 -15.89
N MET A 130 -26.29 0.77 -14.56
CA MET A 130 -26.27 2.03 -13.84
C MET A 130 -24.83 2.43 -13.52
N MET A 131 -24.44 3.63 -13.95
CA MET A 131 -23.10 4.14 -13.69
C MET A 131 -23.19 5.61 -13.35
N THR A 132 -22.22 6.09 -12.57
CA THR A 132 -22.14 7.52 -12.28
C THR A 132 -21.23 8.23 -13.28
N PHE A 133 -21.36 9.55 -13.31
CA PHE A 133 -20.50 10.39 -14.16
C PHE A 133 -20.55 11.82 -13.65
N ASP A 134 -19.50 12.59 -13.97
CA ASP A 134 -19.49 14.01 -13.64
C ASP A 134 -18.81 14.89 -14.68
N SER A 135 -18.66 14.43 -15.92
CA SER A 135 -17.93 15.20 -16.91
C SER A 135 -18.42 14.86 -18.32
N GLU A 136 -18.16 15.78 -19.25
CA GLU A 136 -18.59 15.60 -20.64
C GLU A 136 -17.82 14.49 -21.33
N VAL A 137 -16.52 14.39 -21.09
CA VAL A 137 -15.72 13.33 -21.70
C VAL A 137 -16.26 11.96 -21.27
N GLU A 138 -16.74 11.85 -20.03
CA GLU A 138 -17.36 10.61 -19.59
C GLU A 138 -18.61 10.30 -20.42
N LEU A 139 -19.37 11.34 -20.76
CA LEU A 139 -20.54 11.14 -21.62
C LEU A 139 -20.12 10.63 -22.99
N MET A 140 -19.03 11.18 -23.55
CA MET A 140 -18.52 10.68 -24.82
C MET A 140 -18.15 9.20 -24.72
N LYS A 141 -17.43 8.83 -23.67
CA LYS A 141 -17.01 7.44 -23.49
C LYS A 141 -18.22 6.52 -23.36
N VAL A 142 -19.23 6.95 -22.61
CA VAL A 142 -20.42 6.13 -22.44
C VAL A 142 -21.19 5.99 -23.76
N ALA A 143 -21.33 7.09 -24.49
CA ALA A 143 -22.02 7.03 -25.78
C ALA A 143 -21.33 6.04 -26.71
N ARG A 144 -20.00 5.94 -26.61
CA ARG A 144 -19.28 5.04 -27.50
C ARG A 144 -19.22 3.61 -27.01
N ALA A 145 -19.23 3.36 -25.69
CA ALA A 145 -18.98 2.03 -25.15
C ALA A 145 -20.15 1.44 -24.37
N HIS A 146 -21.15 2.24 -23.97
CA HIS A 146 -22.28 1.72 -23.20
C HIS A 146 -23.50 2.61 -23.46
N PRO A 147 -23.97 2.70 -24.72
CA PRO A 147 -24.98 3.72 -25.06
C PRO A 147 -26.31 3.57 -24.34
N LYS A 148 -26.66 2.37 -23.88
CA LYS A 148 -27.93 2.14 -23.20
C LYS A 148 -27.82 2.27 -21.68
N ALA A 149 -26.73 2.81 -21.17
CA ALA A 149 -26.52 2.89 -19.74
C ALA A 149 -27.46 3.90 -19.10
N LYS A 150 -27.78 3.68 -17.83
CA LYS A 150 -28.54 4.62 -17.01
C LYS A 150 -27.55 5.39 -16.16
N LEU A 151 -27.43 6.70 -16.40
CA LEU A 151 -26.39 7.50 -15.78
C LEU A 151 -26.92 8.25 -14.55
N VAL A 152 -26.07 8.31 -13.53
CA VAL A 152 -26.33 9.05 -12.30
C VAL A 152 -25.30 10.16 -12.23
N LEU A 153 -25.78 11.40 -12.21
CA LEU A 153 -24.90 12.56 -12.21
C LEU A 153 -24.40 12.81 -10.79
N ARG A 154 -23.09 12.76 -10.60
CA ARG A 154 -22.50 12.98 -9.29
C ARG A 154 -22.16 14.46 -9.12
N ILE A 155 -22.71 15.07 -8.08
CA ILE A 155 -22.54 16.49 -7.83
C ILE A 155 -21.53 16.72 -6.72
N ALA A 156 -20.96 17.93 -6.71
CA ALA A 156 -19.99 18.33 -5.70
C ALA A 156 -20.67 18.64 -4.38
N THR A 157 -19.93 18.46 -3.29
CA THR A 157 -20.38 18.78 -1.95
C THR A 157 -19.32 19.59 -1.22
N ASP A 158 -19.76 20.39 -0.25
CA ASP A 158 -18.82 21.07 0.63
C ASP A 158 -18.47 20.07 1.71
N ASP A 159 -17.36 19.36 1.50
CA ASP A 159 -16.84 18.40 2.47
C ASP A 159 -15.59 18.91 3.18
N SER A 160 -15.59 20.19 3.57
CA SER A 160 -14.39 20.75 4.18
C SER A 160 -14.16 20.21 5.58
N LYS A 161 -15.21 19.80 6.28
CA LYS A 161 -15.06 19.24 7.62
C LYS A 161 -14.83 17.73 7.61
N ALA A 162 -15.03 17.08 6.47
CA ALA A 162 -14.84 15.63 6.36
C ALA A 162 -13.37 15.27 6.52
N VAL A 163 -13.13 14.09 7.09
CA VAL A 163 -11.76 13.61 7.29
C VAL A 163 -11.09 13.31 5.95
N CYS A 164 -11.82 12.71 5.02
CA CYS A 164 -11.31 12.32 3.71
C CYS A 164 -12.10 13.09 2.64
N ARG A 165 -11.48 14.12 2.07
CA ARG A 165 -12.19 14.95 1.10
C ARG A 165 -12.13 14.33 -0.29
N LEU A 166 -13.30 14.24 -0.93
CA LEU A 166 -13.45 13.69 -2.26
C LEU A 166 -13.83 14.73 -3.31
N SER A 167 -14.36 15.88 -2.89
CA SER A 167 -14.93 16.84 -3.84
C SER A 167 -13.89 17.48 -4.74
N VAL A 168 -12.67 17.69 -4.25
CA VAL A 168 -11.62 18.24 -5.11
C VAL A 168 -11.49 17.39 -6.38
N LYS A 169 -11.58 16.07 -6.23
CA LYS A 169 -11.40 15.13 -7.32
C LYS A 169 -12.68 14.88 -8.13
N PHE A 170 -13.84 14.77 -7.48
CA PHE A 170 -15.06 14.35 -8.13
C PHE A 170 -16.22 15.27 -7.78
N GLY A 171 -17.21 15.30 -8.66
CA GLY A 171 -18.46 16.00 -8.43
C GLY A 171 -18.61 17.27 -9.25
N ALA A 172 -19.72 17.35 -10.00
CA ALA A 172 -20.00 18.53 -10.81
C ALA A 172 -20.72 19.60 -9.99
N THR A 173 -20.38 20.85 -10.25
CA THR A 173 -21.16 21.96 -9.71
C THR A 173 -22.54 21.98 -10.37
N LEU A 174 -23.44 22.78 -9.79
CA LEU A 174 -24.77 22.94 -10.37
C LEU A 174 -24.67 23.52 -11.78
N ARG A 175 -23.80 24.52 -11.94
CA ARG A 175 -23.56 25.13 -13.23
C ARG A 175 -23.10 24.10 -14.24
N THR A 176 -22.12 23.30 -13.87
CA THR A 176 -21.66 22.21 -14.73
C THR A 176 -22.76 21.18 -14.95
N SER A 177 -23.57 20.93 -13.90
CA SER A 177 -24.63 19.92 -14.00
C SER A 177 -25.64 20.27 -15.09
N ARG A 178 -26.00 21.55 -15.22
CA ARG A 178 -26.91 21.94 -16.30
C ARG A 178 -26.35 21.57 -17.66
N LEU A 179 -25.07 21.90 -17.89
CA LEU A 179 -24.43 21.61 -19.17
C LEU A 179 -24.33 20.12 -19.40
N LEU A 180 -24.05 19.35 -18.34
CA LEU A 180 -23.96 17.91 -18.49
C LEU A 180 -25.30 17.30 -18.88
N LEU A 181 -26.39 17.79 -18.28
CA LEU A 181 -27.71 17.27 -18.64
C LEU A 181 -28.07 17.62 -20.09
N GLU A 182 -27.78 18.85 -20.51
CA GLU A 182 -28.07 19.22 -21.89
C GLU A 182 -27.23 18.40 -22.86
N ARG A 183 -25.94 18.20 -22.54
CA ARG A 183 -25.07 17.39 -23.37
C ARG A 183 -25.55 15.94 -23.45
N ALA A 184 -26.00 15.39 -22.32
CA ALA A 184 -26.54 14.04 -22.32
C ALA A 184 -27.77 13.95 -23.21
N LYS A 185 -28.61 14.99 -23.19
CA LYS A 185 -29.76 15.00 -24.09
C LYS A 185 -29.32 15.00 -25.54
N GLU A 186 -28.30 15.80 -25.89
CA GLU A 186 -27.80 15.79 -27.27
C GLU A 186 -27.36 14.40 -27.70
N LEU A 187 -26.67 13.68 -26.82
CA LEU A 187 -26.10 12.38 -27.16
C LEU A 187 -27.08 11.23 -26.98
N ASN A 188 -28.34 11.52 -26.65
CA ASN A 188 -29.36 10.49 -26.48
C ASN A 188 -28.97 9.50 -25.39
N ILE A 189 -28.42 10.02 -24.29
CA ILE A 189 -28.02 9.22 -23.13
C ILE A 189 -29.01 9.49 -22.02
N ASP A 190 -29.48 8.43 -21.36
CA ASP A 190 -30.49 8.54 -20.32
C ASP A 190 -29.85 8.82 -18.97
N VAL A 191 -30.20 9.97 -18.39
CA VAL A 191 -29.80 10.34 -17.04
C VAL A 191 -31.00 10.12 -16.12
N VAL A 192 -30.83 9.28 -15.11
CA VAL A 192 -31.94 8.83 -14.27
C VAL A 192 -31.85 9.32 -12.83
N GLY A 193 -30.77 10.00 -12.45
CA GLY A 193 -30.67 10.43 -11.08
C GLY A 193 -29.41 11.21 -10.78
N VAL A 194 -29.18 11.37 -9.48
CA VAL A 194 -28.13 12.22 -8.93
C VAL A 194 -27.49 11.49 -7.76
N SER A 195 -26.17 11.61 -7.62
CA SER A 195 -25.46 11.07 -6.47
C SER A 195 -24.54 12.14 -5.90
N PHE A 196 -24.18 11.96 -4.64
CA PHE A 196 -23.20 12.83 -4.00
C PHE A 196 -22.50 12.04 -2.89
N HIS A 197 -21.36 12.54 -2.46
CA HIS A 197 -20.64 11.94 -1.34
C HIS A 197 -20.16 13.07 -0.44
N VAL A 198 -20.65 13.08 0.80
CA VAL A 198 -20.32 14.13 1.77
C VAL A 198 -18.87 14.04 2.21
N GLY A 199 -18.21 12.92 1.96
CA GLY A 199 -16.82 12.70 2.30
C GLY A 199 -16.74 11.66 3.41
N SER A 200 -15.75 10.79 3.30
CA SER A 200 -15.58 9.75 4.31
C SER A 200 -15.21 10.39 5.65
N GLY A 201 -15.77 9.86 6.72
CA GLY A 201 -15.52 10.48 8.01
C GLY A 201 -16.18 11.84 8.14
N CYS A 202 -17.49 11.89 7.95
CA CYS A 202 -18.23 13.14 8.01
C CYS A 202 -18.26 13.70 9.43
N THR A 203 -17.97 15.00 9.55
CA THR A 203 -17.96 15.72 10.82
C THR A 203 -19.17 16.59 11.05
N ASP A 204 -19.79 17.12 10.00
CA ASP A 204 -20.95 18.01 10.13
C ASP A 204 -22.12 17.44 9.35
N PRO A 205 -23.22 17.07 10.01
CA PRO A 205 -24.36 16.48 9.27
C PRO A 205 -25.11 17.45 8.37
N GLU A 206 -25.05 18.75 8.64
CA GLU A 206 -25.74 19.72 7.79
C GLU A 206 -25.28 19.66 6.34
N THR A 207 -24.06 19.18 6.10
CA THR A 207 -23.61 19.00 4.72
C THR A 207 -24.64 18.21 3.92
N PHE A 208 -25.14 17.11 4.51
CA PHE A 208 -26.14 16.30 3.83
C PHE A 208 -27.33 17.14 3.39
N VAL A 209 -27.82 18.01 4.28
CA VAL A 209 -28.98 18.84 3.93
C VAL A 209 -28.68 19.62 2.66
N GLN A 210 -27.56 20.33 2.62
CA GLN A 210 -27.25 21.11 1.43
C GLN A 210 -27.12 20.19 0.23
N ALA A 211 -26.44 19.06 0.41
CA ALA A 211 -26.27 18.14 -0.71
C ALA A 211 -27.64 17.71 -1.24
N ILE A 212 -28.56 17.37 -0.32
CA ILE A 212 -29.88 16.93 -0.76
C ILE A 212 -30.57 18.07 -1.49
N SER A 213 -30.43 19.29 -0.98
CA SER A 213 -31.02 20.44 -1.65
C SER A 213 -30.45 20.56 -3.07
N ASP A 214 -29.12 20.44 -3.19
CA ASP A 214 -28.52 20.53 -4.51
C ASP A 214 -29.06 19.44 -5.42
N ALA A 215 -29.22 18.23 -4.88
CA ALA A 215 -29.76 17.14 -5.69
C ALA A 215 -31.14 17.49 -6.21
N ARG A 216 -31.98 18.07 -5.35
CA ARG A 216 -33.31 18.47 -5.79
C ARG A 216 -33.20 19.43 -6.96
N CYS A 217 -32.30 20.41 -6.86
CA CYS A 217 -32.11 21.35 -7.93
C CYS A 217 -31.75 20.64 -9.23
N VAL A 218 -30.81 19.69 -9.16
CA VAL A 218 -30.41 19.01 -10.39
C VAL A 218 -31.56 18.18 -10.92
N PHE A 219 -32.33 17.55 -10.02
CA PHE A 219 -33.53 16.85 -10.47
C PHE A 219 -34.41 17.79 -11.28
N ASP A 220 -34.63 19.00 -10.76
CA ASP A 220 -35.45 19.98 -11.47
C ASP A 220 -34.83 20.32 -12.81
N MET A 221 -33.50 20.52 -12.84
CA MET A 221 -32.82 20.76 -14.10
C MET A 221 -33.13 19.64 -15.09
N GLY A 222 -33.05 18.40 -14.63
CA GLY A 222 -33.34 17.28 -15.51
C GLY A 222 -34.75 17.37 -16.06
N ALA A 223 -35.71 17.73 -15.19
CA ALA A 223 -37.09 17.84 -15.63
C ALA A 223 -37.23 18.88 -16.71
N GLU A 224 -36.44 19.96 -16.64
CA GLU A 224 -36.52 20.99 -17.67
C GLU A 224 -36.08 20.46 -19.02
N VAL A 225 -35.08 19.58 -19.06
CA VAL A 225 -34.56 19.10 -20.33
C VAL A 225 -35.26 17.86 -20.83
N GLY A 226 -36.20 17.31 -20.05
CA GLY A 226 -36.98 16.16 -20.48
C GLY A 226 -36.62 14.83 -19.85
N PHE A 227 -35.72 14.80 -18.88
CA PHE A 227 -35.41 13.55 -18.19
C PHE A 227 -36.44 13.28 -17.10
N SER A 228 -36.71 11.99 -16.87
CA SER A 228 -37.55 11.57 -15.75
C SER A 228 -36.61 11.03 -14.67
N MET A 229 -36.22 11.90 -13.75
CA MET A 229 -35.23 11.55 -12.75
C MET A 229 -35.94 10.84 -11.61
N TYR A 230 -35.39 9.71 -11.18
CA TYR A 230 -35.99 9.00 -10.04
C TYR A 230 -34.98 8.49 -9.01
N LEU A 231 -33.69 8.43 -9.31
CA LEU A 231 -32.74 7.79 -8.40
C LEU A 231 -31.93 8.85 -7.66
N LEU A 232 -32.01 8.83 -6.34
CA LEU A 232 -31.20 9.69 -5.47
C LEU A 232 -30.24 8.81 -4.70
N ASP A 233 -28.94 9.08 -4.83
CA ASP A 233 -27.88 8.31 -4.21
C ASP A 233 -27.13 9.23 -3.25
N ILE A 234 -27.26 8.98 -1.94
CA ILE A 234 -26.73 9.90 -0.94
C ILE A 234 -25.34 9.49 -0.45
N GLY A 235 -24.69 8.53 -1.12
CA GLY A 235 -23.29 8.24 -0.88
C GLY A 235 -23.00 7.60 0.48
N GLY A 236 -21.80 7.87 0.97
CA GLY A 236 -21.33 7.28 2.21
C GLY A 236 -20.89 8.31 3.23
N GLY A 237 -19.89 7.97 4.04
CA GLY A 237 -19.38 8.85 5.07
C GLY A 237 -19.87 8.57 6.47
N PHE A 238 -20.76 7.60 6.65
CA PHE A 238 -21.27 7.27 7.97
C PHE A 238 -20.20 6.59 8.82
N PRO A 239 -20.19 6.84 10.12
CA PRO A 239 -19.19 6.21 10.99
C PRO A 239 -19.42 4.72 11.13
N GLY A 240 -18.33 3.99 11.34
CA GLY A 240 -18.40 2.54 11.48
C GLY A 240 -18.23 2.02 12.89
N SER A 241 -18.03 2.91 13.85
CA SER A 241 -17.90 2.50 15.24
C SER A 241 -18.47 3.59 16.13
N GLU A 242 -18.69 3.23 17.40
CA GLU A 242 -19.17 4.19 18.38
C GLU A 242 -18.07 5.08 18.93
N ASP A 243 -16.81 4.83 18.54
CA ASP A 243 -15.67 5.62 18.99
C ASP A 243 -15.50 6.86 18.13
N VAL A 244 -16.57 7.64 17.97
CA VAL A 244 -16.55 8.85 17.16
C VAL A 244 -17.43 9.90 17.82
N LYS A 245 -17.13 11.17 17.55
CA LYS A 245 -17.93 12.25 18.09
C LYS A 245 -19.31 12.30 17.45
N LEU A 246 -19.39 12.16 16.12
CA LEU A 246 -20.63 12.26 15.37
C LEU A 246 -21.14 10.85 15.08
N LYS A 247 -22.17 10.44 15.80
CA LYS A 247 -22.66 9.08 15.72
C LYS A 247 -23.69 8.92 14.60
N PHE A 248 -23.84 7.67 14.15
CA PHE A 248 -24.70 7.34 13.01
C PHE A 248 -26.09 7.95 13.15
N GLU A 249 -26.72 7.79 14.32
CA GLU A 249 -28.11 8.20 14.48
C GLU A 249 -28.30 9.71 14.42
N GLU A 250 -27.32 10.50 14.87
CA GLU A 250 -27.43 11.96 14.67
C GLU A 250 -27.49 12.31 13.20
N ILE A 251 -26.61 11.68 12.40
CA ILE A 251 -26.59 11.93 10.97
C ILE A 251 -27.93 11.56 10.35
N THR A 252 -28.44 10.37 10.68
CA THR A 252 -29.69 9.95 10.06
C THR A 252 -30.86 10.82 10.53
N GLY A 253 -30.85 11.27 11.78
CA GLY A 253 -31.84 12.21 12.25
C GLY A 253 -31.81 13.54 11.51
N VAL A 254 -30.64 13.91 11.00
CA VAL A 254 -30.61 15.10 10.14
C VAL A 254 -31.00 14.77 8.71
N ILE A 255 -30.72 13.55 8.24
CA ILE A 255 -30.95 13.21 6.84
C ILE A 255 -32.44 13.01 6.57
N ASN A 256 -33.14 12.30 7.44
CA ASN A 256 -34.51 11.90 7.15
C ASN A 256 -35.47 13.08 6.96
N PRO A 257 -35.45 14.14 7.79
CA PRO A 257 -36.31 15.29 7.48
C PRO A 257 -35.98 15.94 6.15
N ALA A 258 -34.70 16.01 5.80
CA ALA A 258 -34.32 16.59 4.51
C ALA A 258 -34.85 15.75 3.36
N LEU A 259 -34.77 14.41 3.49
CA LEU A 259 -35.33 13.55 2.45
C LEU A 259 -36.82 13.75 2.32
N ASP A 260 -37.53 13.85 3.44
CA ASP A 260 -38.98 14.07 3.36
C ASP A 260 -39.31 15.42 2.76
N LYS A 261 -38.49 16.43 3.04
CA LYS A 261 -38.78 17.78 2.55
C LYS A 261 -38.49 17.90 1.05
N TYR A 262 -37.33 17.41 0.60
CA TYR A 262 -36.94 17.62 -0.79
C TYR A 262 -37.35 16.47 -1.70
N PHE A 263 -37.47 15.24 -1.18
CA PHE A 263 -37.81 14.08 -1.99
C PHE A 263 -38.90 13.26 -1.31
N PRO A 264 -40.13 13.79 -1.24
CA PRO A 264 -41.22 13.02 -0.60
C PRO A 264 -41.49 11.72 -1.33
N SER A 265 -41.97 10.73 -0.58
CA SER A 265 -42.11 9.38 -1.13
C SER A 265 -43.10 9.34 -2.29
N ASP A 266 -44.16 10.15 -2.21
CA ASP A 266 -45.19 10.15 -3.25
C ASP A 266 -44.64 10.57 -4.61
N SER A 267 -43.48 11.23 -4.65
CA SER A 267 -42.89 11.63 -5.92
C SER A 267 -42.44 10.44 -6.76
N GLY A 268 -42.29 9.27 -6.15
CA GLY A 268 -41.78 8.11 -6.87
C GLY A 268 -40.28 7.95 -6.85
N VAL A 269 -39.56 8.78 -6.08
CA VAL A 269 -38.11 8.69 -6.03
C VAL A 269 -37.69 7.38 -5.39
N ARG A 270 -36.54 6.86 -5.83
CA ARG A 270 -35.89 5.72 -5.20
C ARG A 270 -34.56 6.18 -4.61
N ILE A 271 -34.40 6.01 -3.29
CA ILE A 271 -33.25 6.54 -2.57
C ILE A 271 -32.35 5.38 -2.15
N ILE A 272 -31.06 5.52 -2.45
CA ILE A 272 -30.05 4.54 -2.09
C ILE A 272 -28.87 5.29 -1.47
N ALA A 273 -27.95 4.52 -0.89
CA ALA A 273 -26.72 5.05 -0.32
C ALA A 273 -25.59 4.09 -0.65
N GLU A 274 -24.35 4.55 -0.39
CA GLU A 274 -23.15 3.77 -0.67
C GLU A 274 -22.28 3.65 0.58
N PRO A 275 -22.81 3.14 1.69
CA PRO A 275 -22.00 3.07 2.91
C PRO A 275 -20.89 2.03 2.77
N GLY A 276 -19.65 2.45 3.03
CA GLY A 276 -18.60 1.47 3.18
C GLY A 276 -18.17 1.15 4.60
N ARG A 277 -17.60 2.12 5.31
CA ARG A 277 -17.02 1.80 6.61
C ARG A 277 -18.09 1.50 7.65
N TYR A 278 -19.31 2.03 7.47
CA TYR A 278 -20.38 1.78 8.42
C TYR A 278 -20.61 0.29 8.64
N TYR A 279 -20.56 -0.50 7.57
CA TYR A 279 -20.91 -1.91 7.69
C TYR A 279 -19.80 -2.76 8.31
N VAL A 280 -18.54 -2.36 8.14
CA VAL A 280 -17.44 -3.29 8.37
C VAL A 280 -16.44 -2.82 9.41
N ALA A 281 -16.40 -1.52 9.77
CA ALA A 281 -15.30 -1.01 10.59
C ALA A 281 -15.13 -1.80 11.89
N SER A 282 -16.20 -1.90 12.68
CA SER A 282 -16.11 -2.52 14.00
C SER A 282 -16.15 -4.04 13.96
N ALA A 283 -16.42 -4.64 12.80
CA ALA A 283 -16.50 -6.10 12.71
C ALA A 283 -15.14 -6.78 12.80
N PHE A 284 -14.05 -6.07 12.49
CA PHE A 284 -12.72 -6.66 12.45
C PHE A 284 -11.90 -6.16 13.63
N THR A 285 -11.30 -7.09 14.37
CA THR A 285 -10.32 -6.74 15.39
C THR A 285 -8.99 -7.42 15.02
N LEU A 286 -7.91 -6.65 15.09
CA LEU A 286 -6.58 -7.12 14.70
C LEU A 286 -5.75 -7.42 15.94
N ALA A 287 -5.09 -8.58 15.95
CA ALA A 287 -4.15 -8.96 16.99
C ALA A 287 -2.78 -9.06 16.37
N VAL A 288 -1.82 -8.32 16.92
CA VAL A 288 -0.44 -8.36 16.46
C VAL A 288 0.42 -8.81 17.62
N ASN A 289 1.55 -9.44 17.29
CA ASN A 289 2.47 -9.93 18.29
C ASN A 289 3.67 -9.00 18.38
N ILE A 290 4.15 -8.75 19.60
CA ILE A 290 5.36 -7.98 19.80
C ILE A 290 6.53 -8.88 19.44
N ILE A 291 7.20 -8.58 18.33
CA ILE A 291 8.29 -9.43 17.86
C ILE A 291 9.65 -8.90 18.27
N ALA A 292 9.75 -7.62 18.65
CA ALA A 292 11.04 -7.10 19.06
C ALA A 292 10.84 -5.97 20.06
N LYS A 293 11.92 -5.62 20.77
CA LYS A 293 11.81 -4.73 21.90
C LYS A 293 13.14 -4.05 22.17
N LYS A 294 13.09 -2.74 22.42
CA LYS A 294 14.26 -1.97 22.82
C LYS A 294 13.90 -1.10 24.02
N ILE A 295 14.85 -0.93 24.93
CA ILE A 295 14.70 -0.06 26.09
C ILE A 295 15.62 1.13 25.89
N VAL A 296 15.06 2.33 26.00
CA VAL A 296 15.79 3.58 25.82
C VAL A 296 15.71 4.35 27.13
N LEU A 297 16.87 4.69 27.68
CA LEU A 297 16.95 5.44 28.93
C LEU A 297 16.95 6.95 28.66
N LYS A 298 16.16 7.67 29.43
CA LYS A 298 16.04 9.12 29.30
C LYS A 298 16.71 9.81 30.49
N SER A 310 16.94 7.49 35.99
CA SER A 310 16.70 6.73 34.77
C SER A 310 15.21 6.64 34.46
N GLU A 311 14.71 7.51 33.59
CA GLU A 311 13.35 7.34 33.08
C GLU A 311 13.38 6.32 31.96
N GLN A 312 12.59 5.27 32.10
CA GLN A 312 12.55 4.16 31.16
C GLN A 312 11.54 4.45 30.05
N THR A 313 11.96 4.29 28.80
CA THR A 313 11.05 4.30 27.66
C THR A 313 11.28 3.04 26.82
N PHE A 314 10.27 2.67 26.04
CA PHE A 314 10.30 1.42 25.32
C PHE A 314 9.91 1.60 23.85
N MET A 315 10.54 0.81 22.98
CA MET A 315 10.18 0.71 21.57
C MET A 315 9.76 -0.74 21.32
N TYR A 316 8.51 -0.93 20.89
CA TYR A 316 8.00 -2.26 20.58
C TYR A 316 7.82 -2.42 19.08
N TYR A 317 8.26 -3.56 18.56
CA TYR A 317 8.10 -3.91 17.15
C TYR A 317 7.11 -5.05 17.05
N VAL A 318 6.07 -4.86 16.22
CA VAL A 318 5.01 -5.83 16.01
C VAL A 318 5.03 -6.28 14.56
N ASN A 319 4.30 -7.36 14.26
CA ASN A 319 4.38 -8.01 12.96
C ASN A 319 3.26 -7.57 12.01
N ASP A 320 2.79 -6.33 12.13
CA ASP A 320 1.99 -5.68 11.12
C ASP A 320 2.34 -4.19 11.14
N GLY A 321 2.25 -3.54 9.97
CA GLY A 321 2.72 -2.17 9.89
C GLY A 321 2.08 -1.30 8.82
N VAL A 322 2.68 -0.14 8.55
CA VAL A 322 2.10 0.85 7.65
C VAL A 322 2.03 0.36 6.21
N TYR A 323 2.83 -0.63 5.83
CA TYR A 323 2.65 -1.25 4.52
C TYR A 323 1.57 -2.31 4.53
N GLY A 324 1.18 -2.79 5.70
CA GLY A 324 0.10 -3.75 5.84
C GLY A 324 -1.19 -3.10 6.30
N SER A 325 -1.78 -3.62 7.38
CA SER A 325 -3.08 -3.16 7.85
C SER A 325 -3.07 -1.69 8.26
N PHE A 326 -1.94 -1.18 8.75
CA PHE A 326 -1.89 0.18 9.25
C PHE A 326 -1.57 1.20 8.16
N ASN A 327 -1.66 0.81 6.89
CA ASN A 327 -1.66 1.80 5.82
C ASN A 327 -2.75 2.83 6.01
N CYS A 328 -3.80 2.47 6.76
CA CYS A 328 -4.87 3.41 7.08
C CYS A 328 -4.37 4.64 7.80
N ILE A 329 -3.22 4.55 8.49
CA ILE A 329 -2.66 5.74 9.13
C ILE A 329 -2.30 6.79 8.08
N LEU A 330 -1.78 6.34 6.94
CA LEU A 330 -1.39 7.26 5.88
C LEU A 330 -2.54 7.58 4.92
N TYR A 331 -3.23 6.55 4.43
CA TYR A 331 -4.28 6.77 3.43
C TYR A 331 -5.60 7.23 4.04
N ASP A 332 -5.95 6.72 5.22
CA ASP A 332 -7.28 6.95 5.79
C ASP A 332 -7.26 7.89 6.99
N HIS A 333 -6.13 8.53 7.28
CA HIS A 333 -6.01 9.47 8.39
C HIS A 333 -6.43 8.82 9.72
N ALA A 334 -6.13 7.53 9.87
CA ALA A 334 -6.61 6.80 11.03
C ALA A 334 -5.77 7.13 12.26
N HIS A 335 -6.43 7.10 13.41
CA HIS A 335 -5.77 7.22 14.70
C HIS A 335 -6.05 5.93 15.47
N VAL A 336 -5.02 5.12 15.66
CA VAL A 336 -5.18 3.76 16.18
C VAL A 336 -4.85 3.76 17.66
N LYS A 337 -5.61 2.97 18.42
CA LYS A 337 -5.45 2.88 19.86
C LYS A 337 -5.04 1.47 20.24
N PRO A 338 -3.80 1.24 20.66
CA PRO A 338 -3.42 -0.12 21.05
C PRO A 338 -4.09 -0.53 22.36
N LEU A 339 -4.57 -1.77 22.39
CA LEU A 339 -5.25 -2.30 23.56
C LEU A 339 -4.55 -3.56 24.03
N LEU A 340 -4.50 -3.72 25.34
CA LEU A 340 -3.87 -4.87 25.99
C LEU A 340 -4.86 -6.02 26.11
N GLN A 341 -4.36 -7.25 25.96
CA GLN A 341 -5.23 -8.41 26.08
C GLN A 341 -5.86 -8.47 27.45
N LYS A 342 -5.05 -8.42 28.51
CA LYS A 342 -5.55 -8.38 29.87
C LYS A 342 -5.58 -6.93 30.32
N ARG A 343 -6.74 -6.47 30.77
CA ARG A 343 -6.85 -5.11 31.24
C ARG A 343 -5.87 -4.92 32.41
N PRO A 344 -5.01 -3.92 32.36
CA PRO A 344 -3.96 -3.80 33.38
C PRO A 344 -4.51 -3.45 34.75
N LYS A 345 -3.82 -3.94 35.77
CA LYS A 345 -4.13 -3.56 37.14
C LYS A 345 -3.93 -2.05 37.31
N PRO A 346 -4.70 -1.41 38.20
CA PRO A 346 -4.58 0.05 38.34
C PRO A 346 -3.22 0.48 38.89
N ASP A 347 -2.58 -0.36 39.71
CA ASP A 347 -1.32 0.01 40.34
C ASP A 347 -0.12 -0.13 39.39
N GLU A 348 -0.25 -0.91 38.32
CA GLU A 348 0.90 -1.24 37.49
C GLU A 348 1.51 0.03 36.88
N LYS A 349 2.83 0.02 36.74
CA LYS A 349 3.55 1.18 36.24
C LYS A 349 3.46 1.26 34.71
N TYR A 350 3.28 2.48 34.20
CA TYR A 350 3.21 2.74 32.77
C TYR A 350 4.46 3.49 32.34
N TYR A 351 4.83 3.31 31.07
CA TYR A 351 6.01 3.93 30.48
C TYR A 351 5.65 4.52 29.13
N SER A 352 6.35 5.59 28.77
CA SER A 352 6.27 6.16 27.44
C SER A 352 6.85 5.19 26.43
N SER A 353 6.08 4.90 25.38
CA SER A 353 6.38 3.80 24.48
C SER A 353 6.04 4.18 23.06
N SER A 354 6.75 3.57 22.11
CA SER A 354 6.47 3.71 20.70
C SER A 354 6.26 2.33 20.11
N ILE A 355 5.44 2.24 19.07
CA ILE A 355 5.10 0.99 18.43
C ILE A 355 5.45 1.07 16.95
N TRP A 356 6.19 0.08 16.47
CA TRP A 356 6.79 0.10 15.14
C TRP A 356 6.37 -1.12 14.34
N GLY A 357 6.31 -0.94 13.02
CA GLY A 357 6.03 -2.03 12.12
C GLY A 357 7.25 -2.89 11.86
N PRO A 358 7.04 -4.01 11.17
CA PRO A 358 8.14 -4.98 10.98
C PRO A 358 9.12 -4.63 9.87
N THR A 359 8.80 -3.71 8.97
CA THR A 359 9.63 -3.51 7.79
C THR A 359 10.90 -2.71 8.11
N CYS A 360 11.77 -2.65 7.11
CA CYS A 360 13.02 -1.90 7.20
C CYS A 360 12.79 -0.40 7.28
N ASP A 361 11.61 0.06 6.91
CA ASP A 361 11.38 1.49 6.76
C ASP A 361 11.43 2.17 8.12
N GLY A 362 12.28 3.20 8.23
CA GLY A 362 12.35 3.99 9.44
C GLY A 362 11.06 4.71 9.77
N LEU A 363 10.24 4.99 8.77
CA LEU A 363 8.94 5.61 8.97
C LEU A 363 7.81 4.60 9.15
N ASP A 364 8.11 3.30 9.15
CA ASP A 364 7.10 2.28 9.43
C ASP A 364 6.89 2.28 10.94
N ARG A 365 6.13 3.27 11.41
CA ARG A 365 5.85 3.48 12.82
C ARG A 365 4.35 3.59 13.00
N ILE A 366 3.81 2.78 13.91
CA ILE A 366 2.36 2.73 14.13
C ILE A 366 1.90 3.76 15.16
N VAL A 367 2.61 3.87 16.28
CA VAL A 367 2.23 4.76 17.37
C VAL A 367 3.49 5.49 17.83
N GLU A 368 3.47 6.82 17.72
CA GLU A 368 4.65 7.60 18.06
C GLU A 368 4.92 7.58 19.56
N ARG A 369 3.89 7.80 20.37
CA ARG A 369 4.06 7.81 21.83
C ARG A 369 2.75 7.51 22.51
N CYS A 370 2.78 6.55 23.44
CA CYS A 370 1.62 6.16 24.24
C CYS A 370 2.13 5.62 25.56
N ASP A 371 1.22 5.42 26.51
CA ASP A 371 1.58 4.92 27.83
C ASP A 371 1.18 3.46 27.93
N LEU A 372 2.16 2.59 28.18
CA LEU A 372 1.92 1.16 28.27
C LEU A 372 2.70 0.58 29.43
N PRO A 373 2.19 -0.46 30.08
CA PRO A 373 3.04 -1.21 31.02
C PRO A 373 4.16 -1.89 30.26
N GLU A 374 5.21 -2.27 30.99
CA GLU A 374 6.31 -2.94 30.32
C GLU A 374 5.85 -4.26 29.74
N MET A 375 6.04 -4.43 28.43
CA MET A 375 5.61 -5.61 27.72
C MET A 375 6.83 -6.38 27.23
N HIS A 376 6.59 -7.59 26.76
CA HIS A 376 7.68 -8.48 26.35
C HIS A 376 7.37 -9.12 24.99
N VAL A 377 8.45 -9.53 24.33
CA VAL A 377 8.34 -10.28 23.09
C VAL A 377 7.44 -11.49 23.32
N GLY A 378 6.49 -11.69 22.40
CA GLY A 378 5.49 -12.72 22.54
C GLY A 378 4.16 -12.23 23.07
N ASP A 379 4.12 -11.04 23.67
CA ASP A 379 2.85 -10.46 24.09
C ASP A 379 2.07 -9.96 22.87
N TRP A 380 0.76 -9.88 23.02
CA TRP A 380 -0.14 -9.46 21.96
C TRP A 380 -0.68 -8.06 22.24
N MET A 381 -0.94 -7.34 21.16
CA MET A 381 -1.63 -6.06 21.18
C MET A 381 -2.86 -6.15 20.29
N LEU A 382 -3.95 -5.56 20.73
CA LEU A 382 -5.20 -5.59 19.99
C LEU A 382 -5.54 -4.19 19.47
N PHE A 383 -6.08 -4.15 18.26
CA PHE A 383 -6.55 -2.92 17.63
C PHE A 383 -7.97 -3.17 17.14
N GLU A 384 -8.93 -2.50 17.78
CA GLU A 384 -10.33 -2.64 17.42
C GLU A 384 -10.68 -1.70 16.26
N ASN A 385 -11.84 -1.96 15.65
CA ASN A 385 -12.38 -1.12 14.59
C ASN A 385 -11.41 -1.03 13.41
N MET A 386 -10.87 -2.18 13.01
CA MET A 386 -9.88 -2.27 11.95
C MET A 386 -10.46 -2.90 10.67
N GLY A 387 -11.77 -2.78 10.47
CA GLY A 387 -12.40 -3.39 9.31
C GLY A 387 -12.33 -2.58 8.04
N ALA A 388 -12.26 -1.26 8.15
CA ALA A 388 -12.45 -0.39 7.00
C ALA A 388 -11.13 0.17 6.50
N TYR A 389 -10.89 0.03 5.19
CA TYR A 389 -9.72 0.60 4.53
C TYR A 389 -8.42 0.17 5.20
N THR A 390 -8.36 -1.10 5.62
CA THR A 390 -7.14 -1.65 6.19
C THR A 390 -6.60 -2.78 5.33
N VAL A 391 -7.27 -3.93 5.25
CA VAL A 391 -6.76 -5.03 4.45
C VAL A 391 -6.92 -4.71 2.96
N ALA A 392 -7.93 -3.91 2.60
CA ALA A 392 -8.19 -3.58 1.21
C ALA A 392 -7.01 -2.86 0.55
N ALA A 393 -6.15 -2.20 1.31
CA ALA A 393 -5.04 -1.43 0.74
C ALA A 393 -3.69 -1.92 1.24
N ALA A 394 -3.62 -3.11 1.83
CA ALA A 394 -2.36 -3.63 2.34
C ALA A 394 -1.53 -4.21 1.20
N SER A 395 -0.21 -4.15 1.36
CA SER A 395 0.72 -4.77 0.42
C SER A 395 1.59 -5.77 1.16
N THR A 396 2.37 -6.54 0.38
CA THR A 396 3.32 -7.49 0.94
C THR A 396 4.75 -6.96 0.88
N PHE A 397 4.93 -5.64 1.01
CA PHE A 397 6.27 -5.06 1.02
C PHE A 397 7.15 -5.75 2.05
N ASN A 398 8.41 -5.99 1.66
CA ASN A 398 9.43 -6.65 2.47
C ASN A 398 9.16 -8.15 2.61
N GLY A 399 8.14 -8.66 1.93
CA GLY A 399 7.79 -10.06 2.00
C GLY A 399 6.89 -10.46 3.15
N PHE A 400 6.39 -9.50 3.93
CA PHE A 400 5.52 -9.84 5.05
C PHE A 400 4.11 -10.12 4.56
N GLN A 401 3.57 -11.26 4.96
CA GLN A 401 2.29 -11.74 4.47
C GLN A 401 1.12 -11.10 5.20
N ARG A 402 -0.03 -11.12 4.53
CA ARG A 402 -1.25 -10.55 5.08
C ARG A 402 -1.71 -11.37 6.28
N PRO A 403 -2.21 -10.73 7.33
CA PRO A 403 -2.73 -11.48 8.48
C PRO A 403 -3.88 -12.40 8.08
N THR A 404 -3.89 -13.59 8.69
CA THR A 404 -5.02 -14.50 8.54
C THR A 404 -6.28 -13.88 9.13
N ILE A 405 -7.41 -14.07 8.45
CA ILE A 405 -8.70 -13.61 8.95
C ILE A 405 -9.52 -14.82 9.38
N TYR A 406 -9.96 -14.83 10.64
CA TYR A 406 -10.87 -15.86 11.15
C TYR A 406 -12.27 -15.27 11.24
N TYR A 407 -13.19 -15.80 10.44
CA TYR A 407 -14.57 -15.35 10.44
C TYR A 407 -15.37 -16.14 11.48
N VAL A 408 -16.15 -15.43 12.29
CA VAL A 408 -17.00 -16.07 13.28
C VAL A 408 -18.43 -15.57 13.10
N MET A 409 -19.38 -16.40 13.51
CA MET A 409 -20.80 -16.08 13.44
C MET A 409 -21.54 -16.95 14.44
N SER A 410 -22.39 -16.33 15.25
CA SER A 410 -23.20 -17.09 16.19
C SER A 410 -24.41 -17.69 15.48
N GLY A 411 -25.07 -18.63 16.17
CA GLY A 411 -26.29 -19.24 15.67
C GLY A 411 -27.41 -18.23 15.47
N PRO A 412 -27.68 -17.40 16.48
CA PRO A 412 -28.72 -16.36 16.29
C PRO A 412 -28.42 -15.39 15.16
N ALA A 413 -27.15 -15.02 14.97
CA ALA A 413 -26.79 -14.17 13.84
C ALA A 413 -27.11 -14.87 12.51
N TRP A 414 -26.82 -16.16 12.41
CA TRP A 414 -27.19 -16.91 11.22
C TRP A 414 -28.69 -16.94 11.02
N GLN A 415 -29.46 -17.09 12.11
CA GLN A 415 -30.92 -17.05 12.01
C GLN A 415 -31.40 -15.70 11.47
N LEU A 416 -30.82 -14.61 11.99
CA LEU A 416 -31.17 -13.27 11.48
C LEU A 416 -30.86 -13.15 9.99
N MET A 417 -29.69 -13.65 9.57
CA MET A 417 -29.36 -13.64 8.15
C MET A 417 -30.40 -14.41 7.35
N GLN A 418 -30.86 -15.54 7.88
CA GLN A 418 -31.90 -16.31 7.20
C GLN A 418 -33.18 -15.50 7.05
N GLN A 419 -33.55 -14.77 8.10
CA GLN A 419 -34.74 -13.92 8.03
C GLN A 419 -34.58 -12.87 6.94
N PHE A 420 -33.40 -12.24 6.86
CA PHE A 420 -33.16 -11.27 5.80
C PHE A 420 -33.24 -11.90 4.42
N GLN A 421 -32.70 -13.11 4.27
CA GLN A 421 -32.72 -13.79 2.97
C GLN A 421 -34.14 -14.09 2.51
N ASN A 422 -35.05 -14.33 3.44
CA ASN A 422 -36.45 -14.58 3.10
C ASN A 422 -37.23 -13.26 2.99
N ASN B 6 3.37 -17.74 -18.59
CA ASN B 6 3.30 -16.71 -17.57
C ASN B 6 4.42 -15.69 -17.81
N GLU B 7 4.04 -14.41 -17.79
CA GLU B 7 4.96 -13.31 -18.10
C GLU B 7 6.11 -13.18 -17.11
N GLU B 8 5.99 -13.78 -15.92
CA GLU B 8 7.03 -13.64 -14.90
C GLU B 8 8.40 -14.04 -15.46
N PHE B 9 8.46 -15.16 -16.18
CA PHE B 9 9.71 -15.68 -16.71
C PHE B 9 9.79 -15.53 -18.22
N ASP B 10 8.90 -14.75 -18.83
CA ASP B 10 8.92 -14.47 -20.26
C ASP B 10 9.82 -13.27 -20.51
N CYS B 11 10.83 -13.44 -21.37
CA CYS B 11 11.73 -12.36 -21.73
C CYS B 11 11.75 -12.19 -23.25
N HIS B 12 11.73 -10.94 -23.70
CA HIS B 12 11.73 -10.60 -25.11
C HIS B 12 13.10 -10.12 -25.57
N PHE B 13 13.41 -10.40 -26.83
CA PHE B 13 14.65 -9.91 -27.43
C PHE B 13 14.58 -8.41 -27.70
N LEU B 14 15.69 -7.72 -27.40
CA LEU B 14 15.90 -6.31 -27.74
C LEU B 14 16.88 -6.27 -28.90
N ASP B 15 16.39 -5.87 -30.07
CA ASP B 15 17.23 -5.94 -31.27
C ASP B 15 18.30 -4.84 -31.25
N GLU B 16 19.36 -5.08 -32.01
CA GLU B 16 20.46 -4.13 -32.09
C GLU B 16 19.96 -2.77 -32.56
N GLY B 17 20.49 -1.71 -31.96
CA GLY B 17 20.09 -0.36 -32.30
C GLY B 17 18.78 0.06 -31.68
N PHE B 18 18.18 -0.76 -30.84
CA PHE B 18 16.92 -0.46 -30.18
C PHE B 18 17.16 -0.35 -28.68
N THR B 19 16.47 0.59 -28.05
CA THR B 19 16.50 0.76 -26.61
C THR B 19 15.12 0.44 -26.04
N ALA B 20 15.06 0.34 -24.71
CA ALA B 20 13.79 0.14 -24.03
C ALA B 20 12.77 1.21 -24.45
N LYS B 21 13.24 2.43 -24.69
CA LYS B 21 12.37 3.52 -25.10
C LYS B 21 11.70 3.20 -26.44
N ASP B 22 12.47 2.67 -27.40
CA ASP B 22 11.91 2.31 -28.70
C ASP B 22 10.89 1.19 -28.57
N ILE B 23 11.17 0.20 -27.71
CA ILE B 23 10.23 -0.87 -27.46
C ILE B 23 8.93 -0.33 -26.87
N LEU B 24 9.04 0.63 -25.96
CA LEU B 24 7.86 1.28 -25.39
C LEU B 24 7.04 1.94 -26.49
N ASP B 25 7.71 2.72 -27.34
CA ASP B 25 7.02 3.38 -28.45
C ASP B 25 6.30 2.35 -29.33
N GLN B 26 6.99 1.25 -29.65
CA GLN B 26 6.40 0.22 -30.50
C GLN B 26 5.14 -0.36 -29.88
N LYS B 27 5.23 -0.80 -28.63
CA LYS B 27 4.07 -1.41 -27.99
C LYS B 27 2.91 -0.43 -27.96
N ILE B 28 3.20 0.85 -27.72
CA ILE B 28 2.14 1.87 -27.68
C ILE B 28 1.48 2.00 -29.04
N ASN B 29 2.28 2.07 -30.11
CA ASN B 29 1.71 2.19 -31.45
C ASN B 29 0.88 0.96 -31.83
N GLU B 30 1.29 -0.23 -31.36
CA GLU B 30 0.57 -1.45 -31.73
C GLU B 30 -0.86 -1.48 -31.20
N VAL B 31 -1.11 -0.87 -30.04
CA VAL B 31 -2.43 -0.90 -29.42
C VAL B 31 -3.20 0.39 -29.72
N SER B 32 -2.79 1.14 -30.75
CA SER B 32 -3.35 2.47 -30.98
C SER B 32 -4.87 2.44 -31.11
N SER B 33 -5.42 1.40 -31.74
CA SER B 33 -6.87 1.27 -31.92
C SER B 33 -7.42 0.00 -31.30
N SER B 34 -6.65 -0.64 -30.41
CA SER B 34 -7.09 -1.88 -29.79
C SER B 34 -8.16 -1.64 -28.72
N ASP B 35 -8.03 -0.54 -27.98
CA ASP B 35 -8.87 -0.10 -26.86
C ASP B 35 -8.53 -0.82 -25.56
N ASP B 36 -7.58 -1.76 -25.55
CA ASP B 36 -7.07 -2.35 -24.31
C ASP B 36 -5.78 -1.61 -24.00
N LYS B 37 -5.86 -0.66 -23.08
CA LYS B 37 -4.74 0.24 -22.80
C LYS B 37 -4.43 0.27 -21.32
N ASP B 38 -4.27 -0.90 -20.73
CA ASP B 38 -3.82 -0.99 -19.34
C ASP B 38 -2.40 -0.45 -19.23
N ALA B 39 -2.09 0.09 -18.05
CA ALA B 39 -0.74 0.55 -17.79
C ALA B 39 0.22 -0.65 -17.81
N PHE B 40 1.47 -0.39 -18.20
CA PHE B 40 2.43 -1.48 -18.25
C PHE B 40 3.85 -0.96 -18.03
N TYR B 41 4.72 -1.86 -17.60
CA TYR B 41 6.14 -1.61 -17.45
C TYR B 41 6.93 -2.23 -18.59
N VAL B 42 7.99 -1.56 -19.00
CA VAL B 42 9.08 -2.18 -19.75
C VAL B 42 10.30 -2.22 -18.84
N ALA B 43 10.81 -3.43 -18.60
CA ALA B 43 11.95 -3.65 -17.72
C ALA B 43 13.12 -4.20 -18.53
N ASP B 44 14.19 -3.42 -18.63
CA ASP B 44 15.39 -3.79 -19.39
C ASP B 44 16.38 -4.47 -18.44
N LEU B 45 16.46 -5.80 -18.49
CA LEU B 45 17.42 -6.54 -17.67
C LEU B 45 18.87 -6.18 -18.04
N GLY B 46 19.10 -5.79 -19.30
CA GLY B 46 20.41 -5.32 -19.71
C GLY B 46 20.87 -4.11 -18.92
N ASP B 47 19.94 -3.25 -18.50
CA ASP B 47 20.32 -2.11 -17.67
C ASP B 47 20.84 -2.59 -16.33
N ILE B 48 20.27 -3.67 -15.80
CA ILE B 48 20.77 -4.24 -14.56
C ILE B 48 22.18 -4.79 -14.74
N LEU B 49 22.45 -5.42 -15.89
CA LEU B 49 23.82 -5.87 -16.14
C LEU B 49 24.79 -4.70 -16.25
N LYS B 50 24.36 -3.63 -16.93
CA LYS B 50 25.19 -2.42 -16.99
C LYS B 50 25.49 -1.90 -15.60
N LYS B 51 24.47 -1.86 -14.72
CA LYS B 51 24.67 -1.42 -13.35
C LYS B 51 25.70 -2.31 -12.65
N HIS B 52 25.66 -3.62 -12.91
CA HIS B 52 26.64 -4.49 -12.25
C HIS B 52 28.05 -4.20 -12.72
N LEU B 53 28.25 -4.04 -14.04
CA LEU B 53 29.58 -3.67 -14.53
C LEU B 53 30.06 -2.38 -13.90
N ARG B 54 29.17 -1.39 -13.81
CA ARG B 54 29.50 -0.10 -13.22
C ARG B 54 29.89 -0.26 -11.76
N TRP B 55 29.18 -1.12 -11.03
CA TRP B 55 29.53 -1.36 -9.63
C TRP B 55 30.90 -2.00 -9.51
N LEU B 56 31.15 -3.04 -10.32
CA LEU B 56 32.46 -3.69 -10.32
C LEU B 56 33.57 -2.67 -10.56
N LYS B 57 33.32 -1.68 -11.42
CA LYS B 57 34.35 -0.69 -11.69
C LYS B 57 34.51 0.30 -10.55
N ALA B 58 33.40 0.75 -9.96
CA ALA B 58 33.47 1.85 -8.99
C ALA B 58 33.81 1.36 -7.59
N LEU B 59 33.41 0.15 -7.22
CA LEU B 59 33.62 -0.38 -5.88
C LEU B 59 34.24 -1.78 -5.97
N PRO B 60 35.47 -1.88 -6.46
CA PRO B 60 36.06 -3.22 -6.71
C PRO B 60 36.26 -4.04 -5.46
N ARG B 61 36.35 -3.43 -4.28
CA ARG B 61 36.54 -4.17 -3.03
C ARG B 61 35.24 -4.60 -2.37
N VAL B 62 34.09 -4.23 -2.92
CA VAL B 62 32.82 -4.36 -2.22
C VAL B 62 31.92 -5.33 -2.99
N THR B 63 31.53 -6.41 -2.32
CA THR B 63 30.61 -7.39 -2.92
C THR B 63 29.18 -6.92 -2.75
N PRO B 64 28.40 -6.77 -3.81
CA PRO B 64 27.02 -6.30 -3.67
C PRO B 64 26.08 -7.42 -3.26
N PHE B 65 25.25 -7.15 -2.24
CA PHE B 65 24.14 -8.02 -1.86
C PHE B 65 22.85 -7.26 -2.17
N TYR B 66 22.15 -7.66 -3.23
CA TYR B 66 20.98 -6.93 -3.68
C TYR B 66 19.87 -6.96 -2.64
N ALA B 67 19.32 -5.79 -2.33
CA ALA B 67 18.23 -5.66 -1.36
C ALA B 67 16.93 -6.06 -2.03
N VAL B 68 16.53 -7.32 -1.81
CA VAL B 68 15.38 -7.91 -2.51
C VAL B 68 14.12 -7.07 -2.33
N LYS B 69 13.95 -6.47 -1.14
CA LYS B 69 12.72 -5.73 -0.84
C LYS B 69 12.48 -4.60 -1.82
N CYS B 70 13.55 -4.06 -2.43
CA CYS B 70 13.39 -2.93 -3.33
C CYS B 70 12.53 -3.29 -4.53
N ASN B 71 12.73 -4.49 -5.07
CA ASN B 71 11.91 -5.00 -6.17
C ASN B 71 12.15 -6.50 -6.22
N ASP B 72 11.14 -7.29 -5.84
CA ASP B 72 11.32 -8.73 -5.71
C ASP B 72 10.92 -9.50 -6.96
N SER B 73 10.91 -8.84 -8.12
CA SER B 73 10.57 -9.54 -9.36
C SER B 73 11.51 -10.72 -9.57
N LYS B 74 10.92 -11.88 -9.85
CA LYS B 74 11.71 -13.10 -9.97
C LYS B 74 12.74 -13.01 -11.11
N ALA B 75 12.38 -12.33 -12.20
CA ALA B 75 13.34 -12.14 -13.28
C ALA B 75 14.53 -11.31 -12.81
N ILE B 76 14.29 -10.28 -12.00
CA ILE B 76 15.37 -9.45 -11.48
C ILE B 76 16.32 -10.31 -10.64
N VAL B 77 15.77 -11.05 -9.68
CA VAL B 77 16.59 -11.85 -8.78
C VAL B 77 17.33 -12.93 -9.56
N LYS B 78 16.69 -13.52 -10.57
CA LYS B 78 17.34 -14.54 -11.38
C LYS B 78 18.51 -13.96 -12.15
N THR B 79 18.32 -12.78 -12.77
CA THR B 79 19.41 -12.13 -13.49
C THR B 79 20.57 -11.83 -12.56
N LEU B 80 20.28 -11.26 -11.39
CA LEU B 80 21.33 -10.90 -10.45
C LEU B 80 22.04 -12.12 -9.90
N ALA B 81 21.29 -13.21 -9.65
CA ALA B 81 21.90 -14.44 -9.19
C ALA B 81 22.84 -15.03 -10.24
N ALA B 82 22.40 -15.02 -11.51
CA ALA B 82 23.30 -15.45 -12.58
C ALA B 82 24.52 -14.55 -12.64
N THR B 83 24.35 -13.27 -12.35
CA THR B 83 25.46 -12.32 -12.32
C THR B 83 26.42 -12.61 -11.17
N GLY B 84 25.98 -13.33 -10.16
CA GLY B 84 26.83 -13.66 -9.02
C GLY B 84 26.78 -12.71 -7.85
N THR B 85 25.78 -11.85 -7.76
CA THR B 85 25.64 -11.01 -6.57
C THR B 85 25.15 -11.84 -5.38
N GLY B 86 25.30 -11.25 -4.19
CA GLY B 86 24.61 -11.75 -3.01
C GLY B 86 23.21 -11.19 -2.94
N PHE B 87 22.50 -11.54 -1.86
CA PHE B 87 21.16 -11.02 -1.65
C PHE B 87 20.95 -10.67 -0.18
N ASP B 88 20.40 -9.48 0.06
CA ASP B 88 19.98 -9.05 1.38
C ASP B 88 18.48 -9.31 1.50
N CYS B 89 18.11 -10.22 2.39
CA CYS B 89 16.73 -10.63 2.58
C CYS B 89 16.25 -10.16 3.96
N ALA B 90 15.00 -9.71 4.02
CA ALA B 90 14.43 -9.16 5.24
C ALA B 90 13.41 -10.06 5.90
N SER B 91 13.01 -11.16 5.27
CA SER B 91 11.93 -11.97 5.78
C SER B 91 12.04 -13.38 5.23
N LYS B 92 11.23 -14.27 5.79
CA LYS B 92 11.19 -15.66 5.34
C LYS B 92 10.81 -15.76 3.86
N THR B 93 9.86 -14.93 3.41
CA THR B 93 9.41 -14.99 2.02
C THR B 93 10.54 -14.63 1.05
N GLU B 94 11.34 -13.61 1.39
CA GLU B 94 12.42 -13.22 0.50
C GLU B 94 13.51 -14.29 0.45
N ILE B 95 13.81 -14.91 1.60
CA ILE B 95 14.75 -16.02 1.64
C ILE B 95 14.25 -17.16 0.77
N GLN B 96 12.96 -17.49 0.90
CA GLN B 96 12.36 -18.53 0.08
C GLN B 96 12.50 -18.21 -1.41
N LEU B 97 12.23 -16.95 -1.78
CA LEU B 97 12.33 -16.54 -3.17
C LEU B 97 13.75 -16.73 -3.69
N VAL B 98 14.74 -16.29 -2.91
CA VAL B 98 16.13 -16.37 -3.36
C VAL B 98 16.58 -17.83 -3.45
N GLN B 99 16.26 -18.65 -2.46
CA GLN B 99 16.69 -20.05 -2.48
C GLN B 99 15.99 -20.84 -3.57
N SER B 100 14.73 -20.54 -3.86
CA SER B 100 14.03 -21.23 -4.95
C SER B 100 14.72 -21.03 -6.29
N LEU B 101 15.40 -19.89 -6.46
CA LEU B 101 16.15 -19.63 -7.68
C LEU B 101 17.53 -20.29 -7.68
N GLY B 102 17.87 -21.03 -6.63
CA GLY B 102 19.10 -21.79 -6.60
C GLY B 102 20.28 -21.13 -5.93
N VAL B 103 20.05 -20.05 -5.19
CA VAL B 103 21.16 -19.33 -4.55
C VAL B 103 21.50 -20.02 -3.22
N PRO B 104 22.75 -20.39 -3.00
CA PRO B 104 23.12 -21.06 -1.74
C PRO B 104 23.08 -20.09 -0.57
N PRO B 105 22.95 -20.61 0.66
CA PRO B 105 22.74 -19.71 1.81
C PRO B 105 23.90 -18.77 2.09
N GLU B 106 25.13 -19.12 1.72
CA GLU B 106 26.26 -18.23 2.00
C GLU B 106 26.24 -16.98 1.12
N ARG B 107 25.33 -16.89 0.15
CA ARG B 107 25.14 -15.68 -0.63
C ARG B 107 23.92 -14.89 -0.16
N ILE B 108 23.45 -15.16 1.05
CA ILE B 108 22.28 -14.50 1.62
C ILE B 108 22.68 -13.89 2.96
N ILE B 109 22.32 -12.63 3.17
CA ILE B 109 22.39 -12.02 4.48
C ILE B 109 20.98 -11.68 4.94
N TYR B 110 20.64 -12.08 6.15
CA TYR B 110 19.35 -11.80 6.76
C TYR B 110 19.49 -10.48 7.52
N ALA B 111 19.46 -9.38 6.77
CA ALA B 111 19.83 -8.06 7.29
C ALA B 111 18.61 -7.29 7.80
N ASN B 112 17.82 -7.94 8.64
CA ASN B 112 16.71 -7.32 9.34
C ASN B 112 17.06 -7.31 10.82
N PRO B 113 17.21 -6.15 11.47
CA PRO B 113 17.72 -6.15 12.84
C PRO B 113 16.71 -6.65 13.87
N CYS B 114 15.41 -6.67 13.54
CA CYS B 114 14.35 -6.99 14.52
C CYS B 114 13.45 -8.06 13.90
N LYS B 115 13.81 -9.32 14.09
CA LYS B 115 13.23 -10.44 13.37
C LYS B 115 12.30 -11.25 14.27
N GLN B 116 11.15 -11.61 13.73
CA GLN B 116 10.25 -12.53 14.43
C GLN B 116 10.95 -13.87 14.65
N VAL B 117 10.75 -14.45 15.84
CA VAL B 117 11.48 -15.64 16.23
C VAL B 117 11.28 -16.77 15.23
N SER B 118 10.03 -16.97 14.79
CA SER B 118 9.78 -18.07 13.85
C SER B 118 10.53 -17.87 12.54
N GLN B 119 10.74 -16.62 12.12
CA GLN B 119 11.51 -16.37 10.91
C GLN B 119 13.01 -16.57 11.14
N ILE B 120 13.50 -16.25 12.34
CA ILE B 120 14.87 -16.62 12.69
C ILE B 120 15.05 -18.13 12.61
N LYS B 121 14.09 -18.87 13.19
CA LYS B 121 14.16 -20.33 13.12
C LYS B 121 14.11 -20.82 11.68
N TYR B 122 13.28 -20.18 10.83
CA TYR B 122 13.28 -20.55 9.43
C TYR B 122 14.65 -20.35 8.81
N ALA B 123 15.31 -19.23 9.10
CA ALA B 123 16.65 -18.99 8.56
C ALA B 123 17.62 -20.07 9.05
N ALA B 124 17.54 -20.43 10.33
CA ALA B 124 18.42 -21.46 10.87
C ALA B 124 18.18 -22.81 10.20
N ASN B 125 16.90 -23.15 9.96
CA ASN B 125 16.57 -24.42 9.32
C ASN B 125 17.12 -24.52 7.91
N ASN B 126 17.29 -23.38 7.23
CA ASN B 126 17.71 -23.38 5.84
C ASN B 126 19.16 -22.92 5.67
N GLY B 127 19.94 -22.89 6.74
CA GLY B 127 21.36 -22.67 6.63
C GLY B 127 21.79 -21.24 6.41
N VAL B 128 20.89 -20.28 6.60
CA VAL B 128 21.25 -18.87 6.51
C VAL B 128 21.87 -18.46 7.84
N GLN B 129 23.19 -18.31 7.86
CA GLN B 129 23.91 -18.11 9.12
C GLN B 129 24.09 -16.65 9.49
N MET B 130 24.20 -15.75 8.52
CA MET B 130 24.58 -14.37 8.81
C MET B 130 23.32 -13.52 8.99
N MET B 131 23.22 -12.85 10.14
CA MET B 131 22.08 -11.98 10.42
C MET B 131 22.58 -10.72 11.11
N THR B 132 21.86 -9.62 10.95
CA THR B 132 22.21 -8.40 11.66
C THR B 132 21.43 -8.29 12.97
N PHE B 133 21.89 -7.40 13.83
CA PHE B 133 21.20 -7.14 15.09
C PHE B 133 21.64 -5.79 15.64
N ASP B 134 20.77 -5.20 16.49
CA ASP B 134 21.15 -3.98 17.19
C ASP B 134 20.59 -3.86 18.61
N SER B 135 20.21 -4.96 19.26
CA SER B 135 19.61 -4.86 20.59
C SER B 135 19.87 -6.15 21.38
N GLU B 136 19.76 -6.03 22.70
CA GLU B 136 20.01 -7.18 23.58
C GLU B 136 18.91 -8.24 23.44
N VAL B 137 17.65 -7.81 23.33
CA VAL B 137 16.56 -8.75 23.16
C VAL B 137 16.78 -9.60 21.91
N GLU B 138 17.33 -8.98 20.86
CA GLU B 138 17.65 -9.73 19.65
C GLU B 138 18.71 -10.80 19.95
N LEU B 139 19.68 -10.48 20.81
CA LEU B 139 20.67 -11.48 21.20
C LEU B 139 20.03 -12.64 21.95
N MET B 140 19.08 -12.35 22.85
CA MET B 140 18.35 -13.42 23.54
C MET B 140 17.62 -14.32 22.54
N LYS B 141 16.93 -13.69 21.59
CA LYS B 141 16.19 -14.45 20.59
C LYS B 141 17.12 -15.32 19.75
N VAL B 142 18.28 -14.78 19.36
CA VAL B 142 19.22 -15.55 18.56
C VAL B 142 19.80 -16.70 19.38
N ALA B 143 20.17 -16.43 20.63
CA ALA B 143 20.70 -17.50 21.49
C ALA B 143 19.69 -18.63 21.64
N ARG B 144 18.40 -18.30 21.65
CA ARG B 144 17.42 -19.36 21.84
C ARG B 144 17.01 -20.04 20.53
N ALA B 145 17.09 -19.34 19.39
CA ALA B 145 16.55 -19.87 18.13
C ALA B 145 17.58 -20.10 17.04
N HIS B 146 18.77 -19.53 17.14
CA HIS B 146 19.79 -19.68 16.10
C HIS B 146 21.17 -19.53 16.72
N PRO B 147 21.54 -20.39 17.67
CA PRO B 147 22.72 -20.11 18.50
C PRO B 147 24.05 -20.08 17.75
N LYS B 148 24.16 -20.73 16.59
CA LYS B 148 25.41 -20.77 15.84
C LYS B 148 25.47 -19.70 14.77
N ALA B 149 24.58 -18.71 14.80
CA ALA B 149 24.54 -17.69 13.76
C ALA B 149 25.75 -16.77 13.86
N LYS B 150 26.11 -16.18 12.72
CA LYS B 150 27.15 -15.17 12.65
C LYS B 150 26.46 -13.81 12.61
N LEU B 151 26.64 -13.02 13.67
CA LEU B 151 25.90 -11.78 13.81
C LEU B 151 26.73 -10.58 13.33
N VAL B 152 26.05 -9.65 12.70
CA VAL B 152 26.62 -8.39 12.24
C VAL B 152 25.92 -7.28 13.00
N LEU B 153 26.69 -6.50 13.74
CA LEU B 153 26.14 -5.46 14.59
C LEU B 153 25.87 -4.23 13.74
N ARG B 154 24.61 -3.81 13.67
CA ARG B 154 24.24 -2.63 12.89
C ARG B 154 24.32 -1.40 13.77
N ILE B 155 25.11 -0.42 13.35
CA ILE B 155 25.34 0.78 14.13
C ILE B 155 24.50 1.90 13.54
N ALA B 156 24.21 2.89 14.36
CA ALA B 156 23.39 4.03 13.93
C ALA B 156 24.19 4.98 13.05
N THR B 157 23.46 5.66 12.16
CA THR B 157 24.00 6.73 11.32
C THR B 157 23.10 7.94 11.47
N ASP B 158 23.69 9.12 11.44
CA ASP B 158 22.96 10.37 11.55
C ASP B 158 22.45 10.85 10.18
N ASP B 159 21.13 11.00 10.05
CA ASP B 159 20.52 11.65 8.90
C ASP B 159 19.92 12.96 9.39
N SER B 160 20.61 14.08 9.11
CA SER B 160 20.15 15.38 9.59
C SER B 160 18.87 15.83 8.91
N LYS B 161 18.53 15.26 7.76
CA LYS B 161 17.33 15.59 7.00
C LYS B 161 16.13 14.71 7.33
N ALA B 162 16.28 13.72 8.20
CA ALA B 162 15.16 12.83 8.51
C ALA B 162 14.01 13.60 9.16
N VAL B 163 12.79 13.14 8.85
CA VAL B 163 11.59 13.78 9.41
C VAL B 163 11.48 13.51 10.91
N CYS B 164 11.86 12.32 11.36
CA CYS B 164 11.76 11.94 12.77
C CYS B 164 13.17 11.65 13.27
N ARG B 165 13.83 12.70 13.77
CA ARG B 165 15.22 12.60 14.22
C ARG B 165 15.37 12.13 15.66
N LEU B 166 14.35 12.29 16.51
CA LEU B 166 14.51 11.86 17.90
C LEU B 166 14.27 10.36 18.08
N SER B 167 13.53 9.74 17.18
CA SER B 167 13.20 8.31 17.28
C SER B 167 13.75 7.63 16.03
N VAL B 168 14.89 6.96 16.17
CA VAL B 168 15.53 6.23 15.07
C VAL B 168 15.17 4.76 15.22
N LYS B 169 14.73 4.14 14.13
CA LYS B 169 14.22 2.78 14.22
C LYS B 169 15.33 1.75 14.39
N PHE B 170 16.44 1.93 13.70
CA PHE B 170 17.50 0.92 13.70
C PHE B 170 18.86 1.57 13.96
N GLY B 171 19.77 0.77 14.49
CA GLY B 171 21.14 1.19 14.67
C GLY B 171 21.51 1.45 16.12
N ALA B 172 22.54 0.78 16.61
CA ALA B 172 23.03 0.99 17.96
C ALA B 172 24.04 2.13 17.98
N THR B 173 23.99 2.94 19.03
CA THR B 173 25.05 3.92 19.26
C THR B 173 26.35 3.20 19.61
N LEU B 174 27.45 3.94 19.59
CA LEU B 174 28.73 3.35 19.98
C LEU B 174 28.68 2.84 21.41
N ARG B 175 28.10 3.65 22.30
CA ARG B 175 27.95 3.26 23.71
C ARG B 175 27.16 1.96 23.82
N THR B 176 26.01 1.88 23.14
CA THR B 176 25.22 0.66 23.15
C THR B 176 25.97 -0.50 22.47
N SER B 177 26.75 -0.18 21.44
CA SER B 177 27.49 -1.23 20.71
C SER B 177 28.47 -1.95 21.62
N ARG B 178 29.15 -1.22 22.50
CA ARG B 178 30.08 -1.87 23.42
C ARG B 178 29.35 -2.86 24.34
N LEU B 179 28.22 -2.44 24.89
CA LEU B 179 27.45 -3.33 25.76
C LEU B 179 26.93 -4.53 24.99
N LEU B 180 26.53 -4.33 23.73
CA LEU B 180 26.05 -5.44 22.92
C LEU B 180 27.16 -6.45 22.66
N LEU B 181 28.38 -5.98 22.39
CA LEU B 181 29.48 -6.91 22.17
C LEU B 181 29.77 -7.71 23.43
N GLU B 182 29.80 -7.03 24.58
CA GLU B 182 30.05 -7.75 25.82
C GLU B 182 28.94 -8.76 26.11
N ARG B 183 27.69 -8.38 25.88
CA ARG B 183 26.57 -9.29 26.09
C ARG B 183 26.64 -10.50 25.16
N ALA B 184 26.99 -10.26 23.88
CA ALA B 184 27.15 -11.38 22.96
C ALA B 184 28.25 -12.32 23.42
N LYS B 185 29.33 -11.76 23.96
CA LYS B 185 30.39 -12.60 24.53
C LYS B 185 29.85 -13.44 25.68
N GLU B 186 29.05 -12.83 26.56
CA GLU B 186 28.47 -13.58 27.67
C GLU B 186 27.64 -14.77 27.19
N LEU B 187 26.85 -14.57 26.14
CA LEU B 187 25.94 -15.59 25.64
C LEU B 187 26.59 -16.57 24.67
N ASN B 188 27.90 -16.44 24.44
CA ASN B 188 28.62 -17.32 23.52
C ASN B 188 28.06 -17.21 22.11
N ILE B 189 27.76 -15.99 21.69
CA ILE B 189 27.25 -15.69 20.35
C ILE B 189 28.37 -15.03 19.56
N ASP B 190 28.59 -15.49 18.33
CA ASP B 190 29.70 -15.00 17.52
C ASP B 190 29.26 -13.77 16.73
N VAL B 191 29.95 -12.65 16.99
CA VAL B 191 29.77 -11.42 16.23
C VAL B 191 30.96 -11.28 15.29
N VAL B 192 30.68 -11.23 13.99
CA VAL B 192 31.71 -11.29 12.95
C VAL B 192 31.89 -9.99 12.20
N GLY B 193 31.07 -8.97 12.48
CA GLY B 193 31.23 -7.74 11.73
C GLY B 193 30.25 -6.67 12.15
N VAL B 194 30.20 -5.64 11.32
CA VAL B 194 29.47 -4.40 11.59
C VAL B 194 28.79 -3.97 10.29
N SER B 195 27.56 -3.46 10.40
CA SER B 195 26.85 -2.91 9.25
C SER B 195 26.31 -1.53 9.60
N PHE B 196 26.04 -0.75 8.56
CA PHE B 196 25.37 0.54 8.70
C PHE B 196 24.59 0.82 7.43
N HIS B 197 23.65 1.76 7.52
CA HIS B 197 22.88 2.20 6.35
C HIS B 197 22.78 3.71 6.38
N VAL B 198 23.39 4.36 5.40
CA VAL B 198 23.37 5.83 5.35
C VAL B 198 22.00 6.35 4.91
N GLY B 199 21.30 5.61 4.08
CA GLY B 199 20.01 6.13 3.69
C GLY B 199 20.03 6.65 2.26
N SER B 200 18.87 6.53 1.59
CA SER B 200 18.77 7.04 0.23
C SER B 200 18.92 8.55 0.16
N GLY B 201 18.39 9.27 1.15
CA GLY B 201 18.44 10.71 1.08
C GLY B 201 19.75 11.31 1.54
N CYS B 202 20.85 10.76 1.05
CA CYS B 202 22.18 11.25 1.42
C CYS B 202 22.50 12.47 0.57
N THR B 203 22.84 13.58 1.22
CA THR B 203 23.22 14.79 0.50
C THR B 203 24.71 15.00 0.44
N ASP B 204 25.45 14.54 1.44
CA ASP B 204 26.89 14.71 1.53
C ASP B 204 27.54 13.34 1.62
N PRO B 205 28.43 12.97 0.70
CA PRO B 205 29.04 11.63 0.79
C PRO B 205 29.92 11.44 2.01
N GLU B 206 30.36 12.54 2.65
CA GLU B 206 31.14 12.43 3.88
C GLU B 206 30.43 11.63 4.96
N THR B 207 29.09 11.57 4.93
CA THR B 207 28.37 10.71 5.87
C THR B 207 28.95 9.31 5.86
N PHE B 208 29.18 8.77 4.65
CA PHE B 208 29.78 7.43 4.55
C PHE B 208 31.10 7.38 5.29
N VAL B 209 31.95 8.38 5.11
CA VAL B 209 33.23 8.41 5.82
C VAL B 209 32.99 8.28 7.31
N GLN B 210 32.08 9.10 7.83
CA GLN B 210 31.80 9.04 9.26
C GLN B 210 31.36 7.64 9.65
N ALA B 211 30.45 7.06 8.86
CA ALA B 211 29.97 5.72 9.18
C ALA B 211 31.12 4.74 9.19
N ILE B 212 31.98 4.83 8.17
CA ILE B 212 33.10 3.90 8.10
C ILE B 212 33.99 4.09 9.31
N SER B 213 34.25 5.35 9.68
CA SER B 213 35.05 5.61 10.87
C SER B 213 34.40 4.97 12.08
N ASP B 214 33.08 5.19 12.24
CA ASP B 214 32.38 4.58 13.36
C ASP B 214 32.48 3.07 13.29
N ALA B 215 32.36 2.50 12.09
CA ALA B 215 32.46 1.05 11.98
C ALA B 215 33.82 0.58 12.47
N ARG B 216 34.89 1.30 12.10
CA ARG B 216 36.21 0.91 12.57
C ARG B 216 36.24 0.92 14.09
N CYS B 217 35.66 1.94 14.70
CA CYS B 217 35.63 2.01 16.15
C CYS B 217 35.02 0.75 16.74
N VAL B 218 33.88 0.31 16.18
CA VAL B 218 33.23 -0.86 16.73
C VAL B 218 34.10 -2.10 16.51
N PHE B 219 34.75 -2.17 15.34
CA PHE B 219 35.71 -3.25 15.10
C PHE B 219 36.73 -3.31 16.23
N ASP B 220 37.29 -2.15 16.60
CA ASP B 220 38.27 -2.14 17.68
C ASP B 220 37.66 -2.67 18.96
N MET B 221 36.44 -2.24 19.27
CA MET B 221 35.75 -2.76 20.46
C MET B 221 35.69 -4.28 20.41
N GLY B 222 35.33 -4.83 19.25
CA GLY B 222 35.24 -6.27 19.13
C GLY B 222 36.56 -6.94 19.45
N ALA B 223 37.65 -6.37 18.91
CA ALA B 223 38.97 -6.96 19.17
C ALA B 223 39.28 -6.94 20.66
N GLU B 224 38.82 -5.90 21.36
CA GLU B 224 39.04 -5.82 22.80
C GLU B 224 38.29 -6.91 23.53
N VAL B 225 37.09 -7.29 23.05
CA VAL B 225 36.26 -8.26 23.76
C VAL B 225 36.59 -9.69 23.35
N GLY B 226 37.45 -9.88 22.37
CA GLY B 226 37.85 -11.21 21.96
C GLY B 226 37.24 -11.72 20.68
N PHE B 227 36.47 -10.89 19.96
CA PHE B 227 35.90 -11.29 18.69
C PHE B 227 36.93 -11.17 17.58
N SER B 228 36.78 -12.02 16.56
CA SER B 228 37.57 -11.92 15.34
C SER B 228 36.67 -11.32 14.26
N MET B 229 36.70 -9.99 14.17
CA MET B 229 35.80 -9.26 13.28
C MET B 229 36.40 -9.20 11.89
N TYR B 230 35.58 -9.54 10.88
CA TYR B 230 36.06 -9.46 9.50
C TYR B 230 35.06 -8.87 8.50
N LEU B 231 33.78 -8.75 8.83
CA LEU B 231 32.78 -8.37 7.84
C LEU B 231 32.35 -6.92 8.04
N LEU B 232 32.54 -6.10 7.01
CA LEU B 232 32.06 -4.72 6.99
C LEU B 232 30.98 -4.61 5.94
N ASP B 233 29.78 -4.17 6.35
CA ASP B 233 28.62 -4.05 5.48
C ASP B 233 28.26 -2.57 5.41
N ILE B 234 28.46 -1.95 4.25
CA ILE B 234 28.28 -0.50 4.15
C ILE B 234 26.88 -0.14 3.64
N GLY B 235 25.98 -1.12 3.60
CA GLY B 235 24.57 -0.84 3.37
C GLY B 235 24.27 -0.38 1.95
N GLY B 236 23.21 0.43 1.83
CA GLY B 236 22.70 0.90 0.56
C GLY B 236 22.58 2.42 0.52
N GLY B 237 21.59 2.88 -0.25
CA GLY B 237 21.34 4.29 -0.43
C GLY B 237 21.90 4.90 -1.69
N PHE B 238 22.62 4.12 -2.50
CA PHE B 238 23.22 4.66 -3.71
C PHE B 238 22.13 4.96 -4.74
N PRO B 239 22.28 6.05 -5.51
CA PRO B 239 21.24 6.41 -6.48
C PRO B 239 21.13 5.42 -7.62
N GLY B 240 19.91 5.28 -8.15
CA GLY B 240 19.61 4.37 -9.22
C GLY B 240 19.45 4.98 -10.58
N SER B 241 19.60 6.30 -10.70
CA SER B 241 19.55 6.98 -11.99
C SER B 241 20.49 8.17 -11.95
N GLU B 242 20.74 8.73 -13.13
CA GLU B 242 21.55 9.93 -13.26
C GLU B 242 20.78 11.21 -12.98
N ASP B 243 19.46 11.09 -12.76
CA ASP B 243 18.62 12.25 -12.50
C ASP B 243 18.65 12.62 -11.02
N VAL B 244 19.85 12.79 -10.47
CA VAL B 244 20.06 13.12 -9.07
C VAL B 244 21.22 14.09 -8.98
N LYS B 245 21.23 14.91 -7.92
CA LYS B 245 22.33 15.83 -7.73
C LYS B 245 23.61 15.11 -7.32
N LEU B 246 23.50 14.14 -6.40
CA LEU B 246 24.66 13.41 -5.89
C LEU B 246 24.72 12.07 -6.62
N LYS B 247 25.64 11.96 -7.57
CA LYS B 247 25.74 10.81 -8.45
C LYS B 247 26.59 9.70 -7.84
N PHE B 248 26.34 8.48 -8.32
CA PHE B 248 26.96 7.28 -7.77
C PHE B 248 28.48 7.43 -7.65
N GLU B 249 29.13 7.89 -8.72
CA GLU B 249 30.58 7.91 -8.73
C GLU B 249 31.17 8.93 -7.75
N GLU B 250 30.47 10.04 -7.49
CA GLU B 250 30.93 10.95 -6.43
C GLU B 250 30.97 10.24 -5.09
N ILE B 251 29.91 9.49 -4.79
CA ILE B 251 29.83 8.74 -3.53
C ILE B 251 30.96 7.73 -3.46
N THR B 252 31.16 6.94 -4.51
CA THR B 252 32.18 5.91 -4.45
C THR B 252 33.59 6.50 -4.40
N GLY B 253 33.81 7.62 -5.08
CA GLY B 253 35.08 8.31 -4.99
C GLY B 253 35.38 8.82 -3.60
N VAL B 254 34.33 9.10 -2.82
CA VAL B 254 34.58 9.42 -1.41
C VAL B 254 34.72 8.14 -0.57
N ILE B 255 34.03 7.07 -0.95
CA ILE B 255 34.01 5.87 -0.11
C ILE B 255 35.34 5.12 -0.17
N ASN B 256 35.90 4.95 -1.36
CA ASN B 256 37.08 4.09 -1.50
C ASN B 256 38.29 4.54 -0.69
N PRO B 257 38.66 5.83 -0.66
CA PRO B 257 39.77 6.23 0.22
C PRO B 257 39.48 5.95 1.69
N ALA B 258 38.24 6.14 2.13
CA ALA B 258 37.90 5.83 3.51
C ALA B 258 38.04 4.35 3.81
N LEU B 259 37.61 3.49 2.88
CA LEU B 259 37.80 2.05 3.06
C LEU B 259 39.27 1.69 3.15
N ASP B 260 40.10 2.28 2.27
CA ASP B 260 41.53 2.00 2.31
C ASP B 260 42.16 2.49 3.60
N LYS B 261 41.69 3.61 4.14
CA LYS B 261 42.27 4.18 5.34
C LYS B 261 41.88 3.38 6.59
N TYR B 262 40.60 3.08 6.75
CA TYR B 262 40.12 2.44 7.97
C TYR B 262 40.06 0.92 7.89
N PHE B 263 39.90 0.34 6.70
CA PHE B 263 39.83 -1.10 6.53
C PHE B 263 40.74 -1.54 5.40
N PRO B 264 42.06 -1.46 5.59
CA PRO B 264 42.98 -1.87 4.53
C PRO B 264 42.83 -3.36 4.21
N SER B 265 43.13 -3.70 2.96
CA SER B 265 42.89 -5.05 2.48
C SER B 265 43.73 -6.08 3.23
N ASP B 266 44.97 -5.72 3.60
CA ASP B 266 45.84 -6.67 4.29
C ASP B 266 45.28 -7.09 5.65
N SER B 267 44.35 -6.31 6.21
CA SER B 267 43.76 -6.68 7.49
C SER B 267 42.91 -7.95 7.41
N GLY B 268 42.53 -8.37 6.21
CA GLY B 268 41.66 -9.52 6.06
C GLY B 268 40.18 -9.22 6.07
N VAL B 269 39.80 -7.94 6.07
CA VAL B 269 38.39 -7.56 6.10
C VAL B 269 37.71 -7.98 4.80
N ARG B 270 36.43 -8.34 4.91
CA ARG B 270 35.58 -8.58 3.75
C ARG B 270 34.50 -7.52 3.72
N ILE B 271 34.43 -6.77 2.62
CA ILE B 271 33.55 -5.62 2.50
C ILE B 271 32.42 -5.95 1.54
N ILE B 272 31.20 -5.71 1.99
CA ILE B 272 29.98 -5.95 1.24
C ILE B 272 29.08 -4.73 1.33
N ALA B 273 28.04 -4.70 0.49
CA ALA B 273 27.05 -3.65 0.50
C ALA B 273 25.67 -4.24 0.26
N GLU B 274 24.64 -3.43 0.48
CA GLU B 274 23.25 -3.85 0.32
C GLU B 274 22.49 -2.91 -0.62
N PRO B 275 22.98 -2.69 -1.83
CA PRO B 275 22.30 -1.75 -2.74
C PRO B 275 20.96 -2.34 -3.19
N GLY B 276 19.89 -1.57 -3.02
CA GLY B 276 18.65 -1.92 -3.68
C GLY B 276 18.31 -1.11 -4.92
N ARG B 277 18.10 0.19 -4.75
CA ARG B 277 17.59 1.00 -5.86
C ARG B 277 18.64 1.20 -6.94
N TYR B 278 19.92 1.14 -6.58
CA TYR B 278 20.99 1.33 -7.57
C TYR B 278 20.84 0.36 -8.74
N TYR B 279 20.46 -0.89 -8.45
CA TYR B 279 20.43 -1.92 -9.48
C TYR B 279 19.19 -1.82 -10.38
N VAL B 280 18.07 -1.31 -9.88
CA VAL B 280 16.80 -1.50 -10.55
C VAL B 280 16.08 -0.21 -10.91
N ALA B 281 16.41 0.94 -10.31
CA ALA B 281 15.56 2.12 -10.49
C ALA B 281 15.36 2.47 -11.95
N SER B 282 16.45 2.61 -12.71
CA SER B 282 16.36 3.05 -14.09
C SER B 282 15.97 1.95 -15.07
N ALA B 283 15.95 0.69 -14.62
CA ALA B 283 15.63 -0.42 -15.52
C ALA B 283 14.16 -0.48 -15.90
N PHE B 284 13.27 0.12 -15.10
CA PHE B 284 11.83 0.03 -15.31
C PHE B 284 11.29 1.37 -15.77
N THR B 285 10.55 1.38 -16.86
CA THR B 285 9.81 2.56 -17.29
C THR B 285 8.32 2.20 -17.31
N LEU B 286 7.49 3.07 -16.73
CA LEU B 286 6.06 2.85 -16.60
C LEU B 286 5.30 3.68 -17.62
N ALA B 287 4.36 3.05 -18.33
CA ALA B 287 3.48 3.73 -19.25
C ALA B 287 2.07 3.64 -18.71
N VAL B 288 1.43 4.80 -18.51
CA VAL B 288 0.05 4.83 -18.04
C VAL B 288 -0.79 5.50 -19.11
N ASN B 289 -2.06 5.12 -19.18
CA ASN B 289 -2.98 5.67 -20.17
C ASN B 289 -3.89 6.70 -19.51
N ILE B 290 -4.14 7.80 -20.22
CA ILE B 290 -5.10 8.79 -19.75
C ILE B 290 -6.49 8.22 -19.95
N ILE B 291 -7.17 7.87 -18.86
CA ILE B 291 -8.48 7.23 -18.94
C ILE B 291 -9.61 8.23 -18.76
N ALA B 292 -9.34 9.41 -18.21
CA ALA B 292 -10.40 10.40 -18.06
C ALA B 292 -9.81 11.79 -18.10
N LYS B 293 -10.69 12.78 -18.32
CA LYS B 293 -10.24 14.14 -18.58
C LYS B 293 -11.33 15.13 -18.20
N LYS B 294 -10.93 16.20 -17.53
CA LYS B 294 -11.80 17.33 -17.20
C LYS B 294 -11.08 18.62 -17.55
N ILE B 295 -11.83 19.60 -18.03
CA ILE B 295 -11.30 20.93 -18.30
C ILE B 295 -11.92 21.91 -17.30
N VAL B 296 -11.08 22.66 -16.60
CA VAL B 296 -11.50 23.63 -15.59
C VAL B 296 -11.03 25.00 -16.04
N LEU B 297 -11.96 25.95 -16.14
CA LEU B 297 -11.63 27.30 -16.56
C LEU B 297 -11.25 28.15 -15.36
N LYS B 298 -10.09 28.80 -15.43
CA LYS B 298 -9.63 29.69 -14.37
C LYS B 298 -9.71 31.14 -14.81
N SER B 310 -10.03 33.85 -20.18
CA SER B 310 -10.35 32.47 -19.80
C SER B 310 -9.14 31.56 -20.03
N GLU B 311 -8.37 31.34 -18.97
CA GLU B 311 -7.24 30.42 -19.01
C GLU B 311 -7.71 29.00 -18.73
N GLN B 312 -7.40 28.08 -19.64
CA GLN B 312 -7.82 26.69 -19.54
C GLN B 312 -6.83 25.89 -18.71
N THR B 313 -7.34 25.09 -17.77
CA THR B 313 -6.53 24.13 -17.04
C THR B 313 -7.16 22.75 -17.19
N PHE B 314 -6.36 21.71 -16.98
CA PHE B 314 -6.80 20.35 -17.25
C PHE B 314 -6.52 19.41 -16.08
N MET B 315 -7.43 18.47 -15.87
CA MET B 315 -7.27 17.37 -14.94
C MET B 315 -7.28 16.08 -15.76
N TYR B 316 -6.19 15.32 -15.68
CA TYR B 316 -6.08 14.05 -16.38
C TYR B 316 -6.09 12.92 -15.36
N TYR B 317 -6.86 11.87 -15.63
CA TYR B 317 -6.91 10.67 -14.81
C TYR B 317 -6.28 9.53 -15.59
N VAL B 318 -5.31 8.86 -14.96
CA VAL B 318 -4.57 7.75 -15.53
C VAL B 318 -4.86 6.49 -14.70
N ASN B 319 -4.49 5.33 -15.27
CA ASN B 319 -4.86 4.05 -14.70
C ASN B 319 -3.75 3.44 -13.85
N ASP B 320 -2.96 4.27 -13.17
CA ASP B 320 -2.10 3.85 -12.09
C ASP B 320 -2.03 5.01 -11.11
N GLY B 321 -1.90 4.69 -9.82
CA GLY B 321 -1.99 5.74 -8.82
C GLY B 321 -1.25 5.50 -7.52
N VAL B 322 -1.55 6.31 -6.50
CA VAL B 322 -0.82 6.27 -5.24
C VAL B 322 -1.06 4.97 -4.48
N TYR B 323 -2.16 4.26 -4.75
CA TYR B 323 -2.30 2.93 -4.18
C TYR B 323 -1.54 1.89 -4.97
N GLY B 324 -1.18 2.20 -6.21
CA GLY B 324 -0.40 1.30 -7.05
C GLY B 324 1.07 1.68 -7.09
N SER B 325 1.58 1.85 -8.31
CA SER B 325 3.00 2.12 -8.49
C SER B 325 3.44 3.42 -7.83
N PHE B 326 2.56 4.41 -7.74
CA PHE B 326 2.94 5.71 -7.24
C PHE B 326 2.81 5.83 -5.73
N ASN B 327 2.64 4.70 -5.02
CA ASN B 327 2.79 4.73 -3.58
C ASN B 327 4.15 5.26 -3.18
N CYS B 328 5.13 5.19 -4.08
CA CYS B 328 6.46 5.72 -3.82
C CYS B 328 6.44 7.21 -3.50
N ILE B 329 5.41 7.93 -3.96
CA ILE B 329 5.28 9.35 -3.63
C ILE B 329 5.11 9.53 -2.13
N LEU B 330 4.37 8.62 -1.50
CA LEU B 330 4.11 8.70 -0.07
C LEU B 330 5.17 7.98 0.75
N TYR B 331 5.47 6.72 0.41
CA TYR B 331 6.37 5.92 1.22
C TYR B 331 7.84 6.23 0.94
N ASP B 332 8.20 6.52 -0.31
CA ASP B 332 9.60 6.67 -0.69
C ASP B 332 9.98 8.12 -0.96
N HIS B 333 9.09 9.07 -0.67
CA HIS B 333 9.35 10.50 -0.88
C HIS B 333 9.75 10.78 -2.33
N ALA B 334 9.17 10.03 -3.26
CA ALA B 334 9.59 10.11 -4.65
C ALA B 334 9.02 11.38 -5.31
N HIS B 335 9.78 11.90 -6.27
CA HIS B 335 9.32 13.00 -7.10
C HIS B 335 9.29 12.51 -8.54
N VAL B 336 8.08 12.36 -9.09
CA VAL B 336 7.88 11.73 -10.38
C VAL B 336 7.70 12.81 -11.43
N LYS B 337 8.27 12.60 -12.61
CA LYS B 337 8.21 13.56 -13.70
C LYS B 337 7.50 12.96 -14.91
N PRO B 338 6.30 13.43 -15.24
CA PRO B 338 5.60 12.87 -16.41
C PRO B 338 6.29 13.26 -17.71
N LEU B 339 6.40 12.29 -18.61
CA LEU B 339 7.03 12.47 -19.90
C LEU B 339 6.05 12.09 -21.00
N LEU B 340 6.10 12.83 -22.11
CA LEU B 340 5.19 12.61 -23.22
C LEU B 340 5.74 11.54 -24.16
N GLN B 341 4.87 10.59 -24.52
CA GLN B 341 5.27 9.53 -25.45
C GLN B 341 5.49 10.08 -26.84
N LYS B 342 4.52 10.83 -27.36
CA LYS B 342 4.62 11.43 -28.69
C LYS B 342 5.30 12.79 -28.56
N ARG B 343 6.35 12.98 -29.35
CA ARG B 343 7.13 14.20 -29.27
C ARG B 343 6.26 15.43 -29.59
N PRO B 344 6.22 16.42 -28.70
CA PRO B 344 5.40 17.61 -28.96
C PRO B 344 6.05 18.50 -30.01
N LYS B 345 5.21 19.14 -30.82
CA LYS B 345 5.72 20.15 -31.73
C LYS B 345 6.30 21.31 -30.93
N PRO B 346 7.30 22.02 -31.45
CA PRO B 346 7.94 23.07 -30.66
C PRO B 346 7.05 24.25 -30.34
N ASP B 347 6.09 24.58 -31.20
CA ASP B 347 5.26 25.77 -31.01
C ASP B 347 4.00 25.53 -30.19
N GLU B 348 3.57 24.29 -29.98
CA GLU B 348 2.26 24.06 -29.39
C GLU B 348 2.19 24.58 -27.95
N LYS B 349 0.99 25.00 -27.57
CA LYS B 349 0.74 25.62 -26.28
C LYS B 349 0.65 24.60 -25.15
N TYR B 350 1.19 24.98 -23.99
CA TYR B 350 1.13 24.20 -22.77
C TYR B 350 0.13 24.83 -21.81
N TYR B 351 -0.44 23.99 -20.95
CA TYR B 351 -1.45 24.39 -19.98
C TYR B 351 -1.11 23.80 -18.63
N SER B 352 -1.51 24.52 -17.58
CA SER B 352 -1.41 24.02 -16.22
C SER B 352 -2.34 22.82 -16.05
N SER B 353 -1.79 21.73 -15.52
CA SER B 353 -2.48 20.46 -15.52
C SER B 353 -2.17 19.70 -14.24
N SER B 354 -3.10 18.85 -13.83
CA SER B 354 -2.93 17.95 -12.70
C SER B 354 -3.16 16.53 -13.19
N ILE B 355 -2.51 15.58 -12.52
CA ILE B 355 -2.60 14.17 -12.91
C ILE B 355 -3.06 13.37 -11.69
N TRP B 356 -4.08 12.55 -11.89
CA TRP B 356 -4.77 11.86 -10.81
C TRP B 356 -4.78 10.36 -11.05
N GLY B 357 -4.80 9.61 -9.96
CA GLY B 357 -4.92 8.16 -10.04
C GLY B 357 -6.36 7.74 -10.27
N PRO B 358 -6.53 6.43 -10.50
CA PRO B 358 -7.86 5.92 -10.87
C PRO B 358 -8.83 5.73 -9.71
N THR B 359 -8.36 5.73 -8.47
CA THR B 359 -9.20 5.34 -7.34
C THR B 359 -10.14 6.46 -6.91
N CYS B 360 -11.03 6.10 -5.97
CA CYS B 360 -12.00 7.03 -5.39
C CYS B 360 -11.37 8.08 -4.49
N ASP B 361 -10.15 7.85 -4.01
CA ASP B 361 -9.56 8.71 -3.00
C ASP B 361 -9.27 10.09 -3.58
N GLY B 362 -9.78 11.13 -2.91
CA GLY B 362 -9.49 12.49 -3.31
C GLY B 362 -8.02 12.85 -3.21
N LEU B 363 -7.27 12.14 -2.38
CA LEU B 363 -5.84 12.34 -2.27
C LEU B 363 -5.03 11.47 -3.23
N ASP B 364 -5.68 10.64 -4.05
CA ASP B 364 -4.99 9.85 -5.06
C ASP B 364 -4.65 10.78 -6.22
N ARG B 365 -3.61 11.56 -6.02
CA ARG B 365 -3.15 12.56 -7.00
C ARG B 365 -1.66 12.35 -7.23
N ILE B 366 -1.27 12.20 -8.49
CA ILE B 366 0.11 11.92 -8.84
C ILE B 366 0.92 13.20 -8.97
N VAL B 367 0.39 14.21 -9.65
CA VAL B 367 1.10 15.45 -9.91
C VAL B 367 0.14 16.60 -9.64
N GLU B 368 0.48 17.47 -8.69
CA GLU B 368 -0.42 18.57 -8.34
C GLU B 368 -0.52 19.58 -9.47
N ARG B 369 0.62 19.99 -10.04
CA ARG B 369 0.59 20.97 -11.12
C ARG B 369 1.83 20.79 -11.99
N CYS B 370 1.62 20.75 -13.31
CA CYS B 370 2.70 20.67 -14.27
C CYS B 370 2.21 21.28 -15.57
N ASP B 371 3.14 21.50 -16.50
CA ASP B 371 2.79 22.09 -17.79
C ASP B 371 2.76 21.02 -18.86
N LEU B 372 1.62 20.86 -19.51
CA LEU B 372 1.47 19.84 -20.53
C LEU B 372 0.68 20.39 -21.70
N PRO B 373 0.95 19.94 -22.92
CA PRO B 373 0.04 20.24 -24.02
C PRO B 373 -1.29 19.57 -23.78
N GLU B 374 -2.32 20.05 -24.47
CA GLU B 374 -3.62 19.43 -24.29
C GLU B 374 -3.56 17.98 -24.76
N MET B 375 -3.92 17.07 -23.87
CA MET B 375 -3.88 15.65 -24.15
C MET B 375 -5.31 15.11 -24.16
N HIS B 376 -5.46 13.88 -24.64
CA HIS B 376 -6.78 13.30 -24.83
C HIS B 376 -6.82 11.89 -24.24
N VAL B 377 -8.04 11.46 -23.91
CA VAL B 377 -8.24 10.09 -23.45
C VAL B 377 -7.66 9.14 -24.48
N GLY B 378 -6.89 8.15 -24.02
CA GLY B 378 -6.18 7.25 -24.89
C GLY B 378 -4.72 7.61 -25.11
N ASP B 379 -4.32 8.84 -24.80
CA ASP B 379 -2.90 9.19 -24.86
C ASP B 379 -2.16 8.53 -23.70
N TRP B 380 -0.86 8.32 -23.89
CA TRP B 380 -0.02 7.70 -22.89
C TRP B 380 0.90 8.73 -22.25
N MET B 381 1.22 8.49 -20.98
CA MET B 381 2.21 9.24 -20.23
C MET B 381 3.27 8.27 -19.75
N LEU B 382 4.54 8.68 -19.82
CA LEU B 382 5.65 7.82 -19.43
C LEU B 382 6.31 8.36 -18.17
N PHE B 383 6.72 7.45 -17.30
CA PHE B 383 7.45 7.76 -16.08
C PHE B 383 8.69 6.89 -16.04
N GLU B 384 9.85 7.51 -16.18
CA GLU B 384 11.10 6.79 -16.13
C GLU B 384 11.56 6.61 -14.69
N ASN B 385 12.54 5.71 -14.50
CA ASN B 385 13.16 5.45 -13.21
C ASN B 385 12.15 5.00 -12.16
N MET B 386 11.28 4.07 -12.57
CA MET B 386 10.20 3.57 -11.72
C MET B 386 10.44 2.15 -11.23
N GLY B 387 11.71 1.74 -11.15
CA GLY B 387 12.03 0.37 -10.76
C GLY B 387 12.04 0.11 -9.27
N ALA B 388 12.33 1.13 -8.47
CA ALA B 388 12.63 0.95 -7.05
C ALA B 388 11.46 1.38 -6.17
N TYR B 389 11.06 0.47 -5.28
CA TYR B 389 10.02 0.76 -4.29
C TYR B 389 8.73 1.25 -4.94
N THR B 390 8.38 0.66 -6.08
CA THR B 390 7.12 0.98 -6.76
C THR B 390 6.20 -0.23 -6.79
N VAL B 391 6.52 -1.28 -7.56
CA VAL B 391 5.66 -2.45 -7.61
C VAL B 391 5.74 -3.24 -6.31
N ALA B 392 6.89 -3.19 -5.63
CA ALA B 392 7.08 -3.94 -4.39
C ALA B 392 6.08 -3.56 -3.31
N ALA B 393 5.54 -2.33 -3.36
CA ALA B 393 4.64 -1.86 -2.31
C ALA B 393 3.26 -1.50 -2.86
N ALA B 394 2.92 -1.98 -4.05
CA ALA B 394 1.63 -1.68 -4.64
C ALA B 394 0.53 -2.55 -4.02
N SER B 395 -0.69 -2.02 -3.98
CA SER B 395 -1.85 -2.76 -3.52
C SER B 395 -2.90 -2.80 -4.62
N THR B 396 -3.95 -3.59 -4.38
CA THR B 396 -5.08 -3.68 -5.31
C THR B 396 -6.31 -2.92 -4.80
N PHE B 397 -6.10 -1.84 -4.07
CA PHE B 397 -7.23 -1.03 -3.60
C PHE B 397 -8.10 -0.63 -4.77
N ASN B 398 -9.42 -0.69 -4.57
CA ASN B 398 -10.45 -0.41 -5.57
C ASN B 398 -10.54 -1.53 -6.61
N GLY B 399 -9.77 -2.61 -6.47
CA GLY B 399 -9.76 -3.70 -7.41
C GLY B 399 -8.87 -3.51 -8.62
N PHE B 400 -8.07 -2.45 -8.67
CA PHE B 400 -7.21 -2.22 -9.82
C PHE B 400 -5.98 -3.11 -9.73
N GLN B 401 -5.72 -3.87 -10.80
CA GLN B 401 -4.65 -4.85 -10.81
C GLN B 401 -3.30 -4.19 -11.15
N ARG B 402 -2.23 -4.85 -10.71
CA ARG B 402 -0.90 -4.32 -10.97
C ARG B 402 -0.58 -4.37 -12.47
N PRO B 403 0.11 -3.35 -13.00
CA PRO B 403 0.48 -3.36 -14.41
C PRO B 403 1.35 -4.57 -14.76
N THR B 404 1.12 -5.10 -15.96
CA THR B 404 1.98 -6.14 -16.50
C THR B 404 3.39 -5.59 -16.73
N ILE B 405 4.39 -6.42 -16.47
CA ILE B 405 5.79 -6.08 -16.70
C ILE B 405 6.27 -6.88 -17.90
N TYR B 406 6.81 -6.19 -18.92
CA TYR B 406 7.41 -6.83 -20.07
C TYR B 406 8.93 -6.74 -19.93
N TYR B 407 9.57 -7.90 -19.77
CA TYR B 407 11.01 -7.98 -19.62
C TYR B 407 11.66 -8.07 -20.99
N VAL B 408 12.71 -7.27 -21.21
CA VAL B 408 13.46 -7.27 -22.45
C VAL B 408 14.94 -7.41 -22.13
N MET B 409 15.68 -7.97 -23.10
CA MET B 409 17.12 -8.16 -22.96
C MET B 409 17.71 -8.32 -24.36
N SER B 410 18.79 -7.60 -24.65
CA SER B 410 19.45 -7.75 -25.94
C SER B 410 20.36 -8.98 -25.93
N GLY B 411 20.78 -9.38 -27.12
CA GLY B 411 21.71 -10.48 -27.27
C GLY B 411 23.04 -10.23 -26.61
N PRO B 412 23.64 -9.06 -26.85
CA PRO B 412 24.91 -8.74 -26.16
C PRO B 412 24.78 -8.71 -24.64
N ALA B 413 23.66 -8.20 -24.12
CA ALA B 413 23.45 -8.25 -22.67
C ALA B 413 23.42 -9.67 -22.16
N TRP B 414 22.75 -10.57 -22.91
CA TRP B 414 22.73 -11.98 -22.52
C TRP B 414 24.15 -12.56 -22.54
N GLN B 415 24.95 -12.20 -23.54
CA GLN B 415 26.33 -12.65 -23.61
C GLN B 415 27.12 -12.18 -22.38
N LEU B 416 26.95 -10.91 -22.01
CA LEU B 416 27.60 -10.38 -20.81
C LEU B 416 27.20 -11.17 -19.56
N MET B 417 25.90 -11.47 -19.43
CA MET B 417 25.45 -12.28 -18.31
C MET B 417 26.12 -13.65 -18.31
N GLN B 418 26.29 -14.25 -19.50
CA GLN B 418 26.97 -15.53 -19.59
C GLN B 418 28.41 -15.41 -19.13
N GLN B 419 29.08 -14.31 -19.51
CA GLN B 419 30.44 -14.07 -19.05
C GLN B 419 30.50 -14.00 -17.53
N PHE B 420 29.53 -13.32 -16.92
CA PHE B 420 29.49 -13.30 -15.45
C PHE B 420 29.29 -14.70 -14.88
N GLN B 421 28.42 -15.50 -15.50
CA GLN B 421 28.26 -16.88 -15.01
C GLN B 421 29.55 -17.68 -15.15
N ASN B 422 30.33 -17.42 -16.19
CA ASN B 422 31.62 -18.05 -16.37
C ASN B 422 32.71 -17.20 -15.72
#